data_6TQ8
#
_entry.id   6TQ8
#
_cell.length_a   51.671
_cell.length_b   86.518
_cell.length_c   102.751
_cell.angle_alpha   90.000
_cell.angle_beta   100.630
_cell.angle_gamma   90.000
#
_symmetry.space_group_name_H-M   'P 1 21 1'
#
loop_
_entity.id
_entity.type
_entity.pdbx_description
1 polymer 'enzyme subunit'
2 water water
#
_entity_poly.entity_id   1
_entity_poly.type   'polypeptide(L)'
_entity_poly.pdbx_seq_one_letter_code
;MTSSSSPSLNALVTGGSRGIGEAISMQLAAEGYSVTIASRGLEQLEAVKAKLPIVKQGQTHHVWQLDLSDVEAAGSFKGA
PLPASSYDVFVSNAGISQFSPIAEHADADWQNMLTVNLTAPIALTKAVVKAISDKPRQTPAHIIFISTAFSKRGAPKVAV
YSASKAGIDGFMRSLARELGPKGINVNCVSPGLVRTEMAEGIDPSMFDLPIRGWIEPDAIADAVTYLVKSKNVTGTTLSV
DNGYCA
;
_entity_poly.pdbx_strand_id   A,B,C,D
#
# COMPACT_ATOMS: atom_id res chain seq x y z
N MET A 1 41.56 -11.47 -12.95
CA MET A 1 41.12 -11.82 -11.57
C MET A 1 41.47 -10.68 -10.61
N THR A 2 42.73 -10.24 -10.66
CA THR A 2 43.36 -9.43 -9.61
C THR A 2 43.44 -7.96 -10.02
N SER A 3 43.78 -7.09 -9.06
CA SER A 3 43.86 -5.63 -9.20
C SER A 3 44.93 -5.06 -8.24
N SER A 4 45.56 -3.93 -8.62
CA SER A 4 46.58 -3.25 -7.80
C SER A 4 45.95 -2.15 -6.94
N SER A 5 44.70 -1.77 -7.26
CA SER A 5 43.93 -0.80 -6.48
C SER A 5 42.43 -1.10 -6.59
N SER A 6 41.89 -1.82 -5.60
CA SER A 6 40.45 -1.96 -5.38
C SER A 6 40.03 -1.12 -4.18
N PRO A 7 39.11 -0.13 -4.36
CA PRO A 7 38.82 0.85 -3.31
C PRO A 7 37.82 0.37 -2.25
N SER A 8 37.99 0.88 -1.01
CA SER A 8 37.00 0.78 0.07
C SER A 8 35.99 1.92 -0.08
N LEU A 9 34.70 1.58 -0.06
CA LEU A 9 33.65 2.58 -0.18
C LEU A 9 33.27 3.11 1.20
N ASN A 10 32.81 4.36 1.23
CA ASN A 10 32.52 5.04 2.45
C ASN A 10 31.02 4.99 2.73
N ALA A 11 30.70 4.51 3.94
CA ALA A 11 29.37 4.34 4.39
C ALA A 11 29.18 5.24 5.62
N LEU A 12 28.01 5.91 5.68
CA LEU A 12 27.65 6.69 6.84
C LEU A 12 26.43 6.02 7.48
N VAL A 13 26.54 5.72 8.77
CA VAL A 13 25.42 5.18 9.56
C VAL A 13 25.16 6.13 10.72
N THR A 14 24.06 6.89 10.65
CA THR A 14 23.60 7.69 11.80
C THR A 14 22.85 6.78 12.76
N GLY A 15 23.05 6.99 14.07
CA GLY A 15 22.53 6.14 15.11
C GLY A 15 23.16 4.77 15.01
N GLY A 16 24.47 4.75 14.74
CA GLY A 16 25.23 3.53 14.45
C GLY A 16 26.00 2.99 15.64
N SER A 17 25.71 3.50 16.86
CA SER A 17 26.52 3.23 18.07
C SER A 17 25.90 2.14 18.94
N ARG A 18 24.71 1.66 18.58
CA ARG A 18 24.01 0.66 19.39
C ARG A 18 22.86 0.08 18.57
N GLY A 19 22.41 -1.11 18.98
CA GLY A 19 21.26 -1.80 18.40
C GLY A 19 21.42 -2.00 16.91
N ILE A 20 20.43 -1.49 16.14
CA ILE A 20 20.30 -1.71 14.68
C ILE A 20 21.47 -1.02 13.95
N GLY A 21 21.71 0.24 14.32
CA GLY A 21 22.88 0.98 13.90
C GLY A 21 24.15 0.18 14.03
N GLU A 22 24.44 -0.29 15.25
CA GLU A 22 25.62 -1.09 15.59
C GLU A 22 25.68 -2.29 14.62
N ALA A 23 24.56 -2.99 14.48
CA ALA A 23 24.50 -4.21 13.66
C ALA A 23 24.84 -3.92 12.19
N ILE A 24 24.35 -2.79 11.67
CA ILE A 24 24.48 -2.45 10.25
C ILE A 24 25.93 -2.09 9.92
N SER A 25 26.48 -1.16 10.70
CA SER A 25 27.91 -0.82 10.68
C SER A 25 28.77 -2.09 10.65
N MET A 26 28.55 -2.99 11.62
CA MET A 26 29.28 -4.26 11.72
C MET A 26 29.22 -4.96 10.35
N GLN A 27 28.02 -5.06 9.76
CA GLN A 27 27.80 -5.88 8.61
C GLN A 27 28.41 -5.20 7.37
N LEU A 28 28.30 -3.86 7.32
CA LEU A 28 28.87 -3.09 6.22
C LEU A 28 30.41 -3.15 6.27
N ALA A 29 30.93 -3.15 7.49
CA ALA A 29 32.34 -3.21 7.73
C ALA A 29 32.88 -4.55 7.22
N ALA A 30 32.21 -5.65 7.61
CA ALA A 30 32.64 -6.99 7.22
C ALA A 30 32.53 -7.19 5.69
N GLU A 31 31.75 -6.34 5.02
CA GLU A 31 31.58 -6.36 3.54
C GLU A 31 32.64 -5.50 2.84
N GLY A 32 33.36 -4.68 3.61
CA GLY A 32 34.53 -4.00 3.11
C GLY A 32 34.37 -2.50 3.11
N TYR A 33 33.25 -2.00 3.63
CA TYR A 33 32.98 -0.57 3.60
C TYR A 33 33.74 0.11 4.73
N SER A 34 34.28 1.30 4.47
CA SER A 34 34.82 2.16 5.50
C SER A 34 33.66 2.91 6.16
N VAL A 35 33.40 2.60 7.44
CA VAL A 35 32.17 2.99 8.09
C VAL A 35 32.43 4.19 8.99
N THR A 36 31.71 5.29 8.71
CA THR A 36 31.56 6.40 9.63
C THR A 36 30.27 6.20 10.43
N ILE A 37 30.41 5.98 11.75
CA ILE A 37 29.26 5.81 12.63
C ILE A 37 29.09 7.13 13.38
N ALA A 38 27.85 7.61 13.48
CA ALA A 38 27.51 8.96 14.04
C ALA A 38 26.39 8.87 15.07
N SER A 39 26.55 9.57 16.18
CA SER A 39 25.51 9.78 17.24
C SER A 39 26.13 10.60 18.37
N ARG A 40 25.35 10.83 19.43
CA ARG A 40 25.70 11.76 20.50
C ARG A 40 26.84 11.22 21.36
N GLY A 41 26.79 9.92 21.67
CA GLY A 41 27.56 9.28 22.74
C GLY A 41 28.86 8.69 22.23
N LEU A 42 29.96 9.37 22.58
CA LEU A 42 31.26 9.12 22.00
C LEU A 42 31.85 7.80 22.50
N GLU A 43 31.69 7.50 23.81
CA GLU A 43 32.25 6.27 24.35
C GLU A 43 31.73 5.06 23.54
N GLN A 44 30.40 4.97 23.39
CA GLN A 44 29.69 3.87 22.71
C GLN A 44 30.11 3.83 21.24
N LEU A 45 30.24 5.00 20.62
CA LEU A 45 30.76 5.13 19.28
C LEU A 45 32.10 4.40 19.17
N GLU A 46 33.06 4.79 20.02
CA GLU A 46 34.42 4.24 19.95
C GLU A 46 34.37 2.73 20.26
N ALA A 47 33.56 2.38 21.27
CA ALA A 47 33.33 0.99 21.68
C ALA A 47 33.02 0.10 20.46
N VAL A 48 32.07 0.55 19.62
CA VAL A 48 31.68 -0.18 18.39
C VAL A 48 32.78 -0.05 17.34
N LYS A 49 33.36 1.13 17.19
CA LYS A 49 34.43 1.34 16.18
C LYS A 49 35.50 0.24 16.31
N ALA A 50 35.87 -0.09 17.55
CA ALA A 50 36.95 -1.01 17.80
C ALA A 50 36.55 -2.43 17.39
N LYS A 51 35.23 -2.71 17.43
CA LYS A 51 34.63 -4.03 17.06
C LYS A 51 34.49 -4.20 15.54
N LEU A 52 34.32 -3.08 14.81
CA LEU A 52 34.14 -3.13 13.36
C LEU A 52 35.27 -3.91 12.72
N PRO A 53 34.98 -4.98 11.98
CA PRO A 53 36.00 -5.67 11.20
C PRO A 53 36.79 -4.74 10.26
N ILE A 54 38.01 -5.16 9.94
CA ILE A 54 38.80 -4.58 8.89
C ILE A 54 39.34 -5.76 8.08
N VAL A 55 38.84 -5.87 6.85
CA VAL A 55 38.95 -7.07 6.04
C VAL A 55 39.64 -6.75 4.72
N LYS A 56 40.06 -5.50 4.56
CA LYS A 56 40.38 -4.94 3.26
C LYS A 56 41.52 -3.93 3.43
N GLN A 57 42.35 -3.82 2.38
CA GLN A 57 43.39 -2.79 2.32
C GLN A 57 42.70 -1.44 2.09
N GLY A 58 43.12 -0.43 2.84
CA GLY A 58 42.65 0.94 2.67
C GLY A 58 41.30 1.16 3.33
N GLN A 59 40.88 0.23 4.18
CA GLN A 59 39.65 0.35 4.96
C GLN A 59 39.98 0.92 6.35
N THR A 60 39.43 2.10 6.64
CA THR A 60 39.46 2.69 7.96
C THR A 60 38.04 3.10 8.33
N HIS A 61 37.71 3.04 9.62
CA HIS A 61 36.40 3.43 10.10
C HIS A 61 36.52 4.80 10.76
N HIS A 62 35.39 5.44 11.05
CA HIS A 62 35.43 6.74 11.69
C HIS A 62 34.22 6.93 12.59
N VAL A 63 34.36 7.91 13.45
CA VAL A 63 33.40 8.25 14.41
C VAL A 63 33.08 9.72 14.15
N TRP A 64 31.80 10.04 14.29
CA TRP A 64 31.30 11.38 14.20
C TRP A 64 30.38 11.61 15.41
N GLN A 65 30.85 12.38 16.39
CA GLN A 65 29.96 12.84 17.43
C GLN A 65 29.02 13.87 16.82
N LEU A 66 27.75 13.49 16.70
CA LEU A 66 26.72 14.35 16.16
C LEU A 66 25.49 14.33 17.06
N ASP A 67 25.09 15.51 17.54
CA ASP A 67 23.82 15.67 18.19
C ASP A 67 22.74 15.65 17.09
N LEU A 68 21.95 14.58 17.09
CA LEU A 68 20.97 14.31 16.04
C LEU A 68 19.73 15.20 16.20
N SER A 69 19.59 15.86 17.35
CA SER A 69 18.50 16.82 17.57
C SER A 69 18.85 18.20 16.99
N ASP A 70 20.06 18.30 16.39
CA ASP A 70 20.65 19.54 15.86
C ASP A 70 20.54 19.57 14.32
N VAL A 71 19.53 20.29 13.80
CA VAL A 71 19.26 20.30 12.35
C VAL A 71 20.45 20.95 11.63
N GLU A 72 20.80 22.19 12.02
CA GLU A 72 21.94 22.95 11.49
C GLU A 72 23.18 22.06 11.34
N ALA A 73 23.56 21.37 12.44
CA ALA A 73 24.73 20.48 12.56
C ALA A 73 24.65 19.31 11.57
N ALA A 74 23.47 18.68 11.52
CA ALA A 74 23.22 17.62 10.56
C ALA A 74 23.43 18.14 9.13
N GLY A 75 22.87 19.33 8.87
CA GLY A 75 22.85 19.94 7.54
C GLY A 75 24.21 20.43 7.08
N SER A 76 25.01 20.93 8.03
CA SER A 76 26.28 21.57 7.71
C SER A 76 27.43 20.59 7.93
N PHE A 77 27.12 19.32 8.21
CA PHE A 77 28.11 18.28 8.37
C PHE A 77 29.16 18.73 9.39
N LYS A 78 28.65 19.32 10.48
CA LYS A 78 29.46 19.93 11.51
C LYS A 78 30.11 18.83 12.35
N GLY A 79 31.45 18.80 12.32
CA GLY A 79 32.27 17.90 13.12
C GLY A 79 32.53 16.58 12.42
N ALA A 80 32.14 16.50 11.14
CA ALA A 80 32.15 15.21 10.43
C ALA A 80 33.60 14.85 10.10
N PRO A 81 34.05 13.60 10.38
CA PRO A 81 35.40 13.16 10.01
C PRO A 81 35.72 13.37 8.54
N LEU A 82 34.73 13.15 7.66
CA LEU A 82 34.93 13.27 6.25
C LEU A 82 33.92 14.27 5.70
N PRO A 83 34.14 14.83 4.48
CA PRO A 83 33.12 15.60 3.79
C PRO A 83 32.00 14.71 3.23
N ALA A 84 30.79 15.26 3.14
CA ALA A 84 29.59 14.58 2.57
C ALA A 84 29.91 13.85 1.26
N SER A 85 30.87 14.38 0.48
CA SER A 85 31.13 13.87 -0.87
C SER A 85 31.87 12.52 -0.83
N SER A 86 32.32 12.10 0.36
CA SER A 86 33.05 10.84 0.49
C SER A 86 32.16 9.61 0.27
N TYR A 87 30.87 9.73 0.65
CA TYR A 87 30.04 8.57 0.95
C TYR A 87 29.34 8.03 -0.30
N ASP A 88 29.46 6.70 -0.49
CA ASP A 88 28.72 5.99 -1.49
C ASP A 88 27.44 5.40 -0.91
N VAL A 89 27.39 5.23 0.42
CA VAL A 89 26.23 4.67 1.11
C VAL A 89 25.90 5.57 2.29
N PHE A 90 24.62 5.89 2.46
CA PHE A 90 24.18 6.64 3.62
C PHE A 90 22.97 5.91 4.21
N VAL A 91 23.07 5.57 5.50
CA VAL A 91 22.05 4.86 6.17
C VAL A 91 21.55 5.73 7.29
N SER A 92 20.35 6.28 7.13
CA SER A 92 19.73 7.09 8.17
C SER A 92 19.00 6.17 9.16
N ASN A 93 19.65 5.88 10.30
CA ASN A 93 19.04 5.05 11.37
C ASN A 93 18.73 5.91 12.62
N ALA A 94 19.11 7.19 12.57
CA ALA A 94 18.82 8.11 13.66
C ALA A 94 17.33 8.07 13.94
N GLY A 95 16.97 7.74 15.18
CA GLY A 95 15.58 7.67 15.54
C GLY A 95 15.35 7.51 17.02
N ILE A 96 14.18 7.95 17.44
CA ILE A 96 13.71 7.91 18.82
C ILE A 96 12.34 7.28 18.78
N SER A 97 11.93 6.56 19.83
CA SER A 97 10.51 6.17 19.96
C SER A 97 9.91 6.72 21.26
N GLN A 98 8.60 6.93 21.26
CA GLN A 98 7.90 7.48 22.39
C GLN A 98 6.46 6.96 22.31
N PHE A 99 5.87 6.73 23.49
CA PHE A 99 4.56 6.08 23.66
C PHE A 99 3.74 6.88 24.66
N SER A 100 2.48 7.05 24.32
CA SER A 100 1.64 8.04 24.89
C SER A 100 0.35 8.03 24.10
N PRO A 101 -0.83 8.10 24.74
CA PRO A 101 -2.02 8.60 24.07
C PRO A 101 -1.64 10.00 23.59
N ILE A 102 -2.19 10.45 22.46
CA ILE A 102 -1.74 11.70 21.89
C ILE A 102 -1.91 12.80 22.92
N ALA A 103 -2.98 12.69 23.73
CA ALA A 103 -3.48 13.73 24.64
C ALA A 103 -2.53 13.92 25.82
N GLU A 104 -1.89 12.84 26.26
CA GLU A 104 -0.96 12.88 27.39
C GLU A 104 0.48 13.10 26.89
N HIS A 105 0.66 13.34 25.59
CA HIS A 105 1.98 13.30 24.98
C HIS A 105 2.67 14.68 25.09
N ALA A 106 3.66 14.77 25.98
CA ALA A 106 4.35 16.03 26.28
C ALA A 106 4.86 16.67 24.97
N ASP A 107 4.56 17.97 24.82
CA ASP A 107 4.90 18.76 23.63
C ASP A 107 6.42 18.74 23.36
N ALA A 108 7.24 18.94 24.39
CA ALA A 108 8.70 19.00 24.16
C ALA A 108 9.19 17.62 23.70
N ASP A 109 8.52 16.55 24.16
CA ASP A 109 8.95 15.21 23.82
C ASP A 109 8.65 14.96 22.34
N TRP A 110 7.37 14.98 21.95
CA TRP A 110 7.03 14.57 20.59
C TRP A 110 7.71 15.47 19.56
N GLN A 111 7.88 16.76 19.88
CA GLN A 111 8.48 17.73 18.96
C GLN A 111 9.93 17.34 18.68
N ASN A 112 10.64 16.99 19.77
CA ASN A 112 12.04 16.55 19.69
C ASN A 112 12.13 15.24 18.89
N MET A 113 11.14 14.36 19.04
CA MET A 113 11.12 13.09 18.30
C MET A 113 10.96 13.36 16.79
N LEU A 114 10.22 14.41 16.45
CA LEU A 114 9.98 14.78 15.06
C LEU A 114 11.27 15.31 14.43
N THR A 115 11.96 16.19 15.15
CA THR A 115 13.23 16.71 14.69
C THR A 115 14.17 15.55 14.41
N VAL A 116 14.32 14.69 15.44
CA VAL A 116 15.31 13.62 15.45
C VAL A 116 15.02 12.62 14.31
N ASN A 117 13.74 12.34 14.07
CA ASN A 117 13.30 11.25 13.19
C ASN A 117 13.05 11.74 11.75
N LEU A 118 12.66 13.01 11.56
CA LEU A 118 12.30 13.46 10.24
C LEU A 118 13.15 14.67 9.82
N THR A 119 13.06 15.75 10.61
CA THR A 119 13.60 17.02 10.22
C THR A 119 15.10 16.88 9.97
N ALA A 120 15.85 16.44 10.99
CA ALA A 120 17.32 16.40 10.90
C ALA A 120 17.80 15.46 9.79
N PRO A 121 17.21 14.25 9.63
CA PRO A 121 17.56 13.39 8.50
C PRO A 121 17.19 13.96 7.11
N ILE A 122 16.23 14.88 7.05
CA ILE A 122 16.02 15.58 5.80
C ILE A 122 17.26 16.42 5.51
N ALA A 123 17.62 17.25 6.51
CA ALA A 123 18.78 18.11 6.46
C ALA A 123 20.03 17.32 6.06
N LEU A 124 20.20 16.13 6.63
CA LEU A 124 21.42 15.36 6.43
C LEU A 124 21.46 14.87 4.99
N THR A 125 20.35 14.28 4.55
CA THR A 125 20.16 13.76 3.21
C THR A 125 20.43 14.84 2.15
N LYS A 126 19.83 16.03 2.33
CA LYS A 126 20.08 17.15 1.45
C LYS A 126 21.59 17.28 1.24
N ALA A 127 22.33 17.34 2.36
CA ALA A 127 23.76 17.58 2.34
C ALA A 127 24.46 16.51 1.50
N VAL A 128 24.08 15.24 1.70
CA VAL A 128 24.66 14.10 0.97
C VAL A 128 24.34 14.24 -0.53
N VAL A 129 23.04 14.40 -0.82
CA VAL A 129 22.53 14.42 -2.16
C VAL A 129 23.20 15.55 -2.95
N LYS A 130 23.42 16.70 -2.30
CA LYS A 130 24.05 17.86 -2.95
C LYS A 130 25.51 17.52 -3.28
N ALA A 131 26.18 16.86 -2.34
CA ALA A 131 27.61 16.62 -2.38
C ALA A 131 27.97 15.46 -3.32
N ILE A 132 27.00 14.63 -3.71
CA ILE A 132 27.31 13.40 -4.45
C ILE A 132 26.43 13.27 -5.71
N SER A 133 25.48 14.19 -5.89
CA SER A 133 24.50 14.17 -6.99
C SER A 133 25.21 13.99 -8.33
N ASP A 134 26.28 14.77 -8.55
CA ASP A 134 26.83 14.95 -9.89
C ASP A 134 28.16 14.20 -10.05
N LYS A 135 28.66 13.57 -8.97
CA LYS A 135 29.82 12.68 -9.02
C LYS A 135 29.50 11.50 -9.93
N PRO A 136 30.39 11.08 -10.85
CA PRO A 136 30.10 10.00 -11.77
C PRO A 136 30.28 8.63 -11.10
N ARG A 137 29.45 7.65 -11.48
CA ARG A 137 29.60 6.29 -10.97
C ARG A 137 28.97 5.30 -11.95
N GLN A 138 29.44 4.05 -11.88
CA GLN A 138 28.94 2.94 -12.68
C GLN A 138 27.93 2.15 -11.84
N THR A 139 28.29 1.88 -10.58
CA THR A 139 27.35 1.36 -9.58
C THR A 139 26.62 2.52 -8.92
N PRO A 140 25.32 2.36 -8.56
CA PRO A 140 24.59 3.39 -7.83
C PRO A 140 25.04 3.58 -6.38
N ALA A 141 24.89 4.82 -5.89
CA ALA A 141 24.91 5.10 -4.50
C ALA A 141 23.61 4.61 -3.86
N HIS A 142 23.66 4.45 -2.54
CA HIS A 142 22.54 3.99 -1.76
C HIS A 142 22.27 4.98 -0.63
N ILE A 143 21.04 5.49 -0.63
CA ILE A 143 20.45 6.08 0.55
C ILE A 143 19.39 5.09 1.04
N ILE A 144 19.52 4.75 2.33
CA ILE A 144 18.65 3.81 3.03
C ILE A 144 18.15 4.48 4.29
N PHE A 145 16.83 4.60 4.41
CA PHE A 145 16.23 5.02 5.62
C PHE A 145 15.79 3.78 6.40
N ILE A 146 16.08 3.76 7.70
CA ILE A 146 15.45 2.80 8.57
C ILE A 146 14.17 3.46 9.09
N SER A 147 13.04 2.84 8.74
CA SER A 147 11.69 3.35 9.05
C SER A 147 11.13 2.55 10.24
N THR A 148 9.84 2.16 10.16
CA THR A 148 9.24 1.26 11.12
C THR A 148 7.90 0.74 10.57
N ALA A 149 7.51 -0.48 10.98
CA ALA A 149 6.27 -1.09 10.55
C ALA A 149 5.07 -0.23 10.98
N PHE A 150 5.20 0.52 12.07
CA PHE A 150 4.12 1.38 12.55
C PHE A 150 3.79 2.52 11.58
N SER A 151 4.66 2.80 10.59
CA SER A 151 4.40 3.87 9.60
C SER A 151 3.32 3.43 8.62
N LYS A 152 3.15 2.11 8.46
CA LYS A 152 2.28 1.51 7.43
C LYS A 152 1.07 0.75 8.00
N ARG A 153 1.10 0.32 9.26
CA ARG A 153 -0.10 -0.23 9.95
C ARG A 153 -0.22 0.47 11.29
N GLY A 154 -1.28 1.28 11.43
CA GLY A 154 -1.54 2.11 12.60
C GLY A 154 -1.62 1.27 13.86
N ALA A 155 -1.10 1.82 14.97
CA ALA A 155 -1.23 1.24 16.29
C ALA A 155 -1.50 2.36 17.29
N PRO A 156 -2.28 2.10 18.37
CA PRO A 156 -2.59 3.12 19.36
C PRO A 156 -1.32 3.51 20.12
N LYS A 157 -1.22 4.80 20.45
CA LYS A 157 -0.26 5.36 21.38
C LYS A 157 1.11 5.57 20.72
N VAL A 158 1.22 5.40 19.40
CA VAL A 158 2.48 5.69 18.67
C VAL A 158 2.22 6.71 17.55
N ALA A 159 1.41 7.73 17.84
CA ALA A 159 0.86 8.66 16.83
C ALA A 159 1.99 9.43 16.15
N VAL A 160 2.76 10.17 16.94
CA VAL A 160 3.82 11.02 16.38
C VAL A 160 5.02 10.17 15.94
N TYR A 161 5.24 9.03 16.60
CA TYR A 161 6.27 8.12 16.15
C TYR A 161 6.00 7.70 14.69
N SER A 162 4.75 7.37 14.40
CA SER A 162 4.37 6.78 13.12
C SER A 162 4.40 7.83 12.00
N ALA A 163 3.92 9.03 12.34
CA ALA A 163 3.96 10.20 11.47
C ALA A 163 5.38 10.41 10.96
N SER A 164 6.31 10.47 11.92
CA SER A 164 7.68 10.83 11.72
C SER A 164 8.35 9.88 10.71
N LYS A 165 8.15 8.57 10.91
CA LYS A 165 8.76 7.54 10.06
C LYS A 165 7.95 7.40 8.76
N ALA A 166 6.64 7.67 8.85
CA ALA A 166 5.82 7.73 7.66
C ALA A 166 6.32 8.89 6.76
N GLY A 167 6.70 10.02 7.37
CA GLY A 167 7.27 11.15 6.63
C GLY A 167 8.57 10.77 5.95
N ILE A 168 9.33 9.92 6.62
CA ILE A 168 10.53 9.34 6.08
C ILE A 168 10.19 8.45 4.88
N ASP A 169 9.00 7.84 4.88
CA ASP A 169 8.62 6.93 3.78
C ASP A 169 8.30 7.77 2.55
N GLY A 170 7.61 8.89 2.76
CA GLY A 170 7.14 9.80 1.71
C GLY A 170 8.28 10.63 1.14
N PHE A 171 9.25 10.95 2.01
CA PHE A 171 10.53 11.41 1.62
C PHE A 171 11.20 10.41 0.67
N MET A 172 11.24 9.13 1.05
CA MET A 172 12.08 8.16 0.33
C MET A 172 11.54 7.94 -1.07
N ARG A 173 10.22 7.83 -1.22
CA ARG A 173 9.61 7.57 -2.54
C ARG A 173 9.88 8.74 -3.51
N SER A 174 9.66 9.95 -3.04
CA SER A 174 9.90 11.15 -3.84
C SER A 174 11.34 11.19 -4.37
N LEU A 175 12.32 10.95 -3.47
CA LEU A 175 13.75 11.02 -3.81
C LEU A 175 14.12 9.88 -4.77
N ALA A 176 13.58 8.68 -4.51
CA ALA A 176 13.91 7.55 -5.37
C ALA A 176 13.68 8.01 -6.81
N ARG A 177 12.53 8.66 -7.01
CA ARG A 177 12.11 9.15 -8.32
C ARG A 177 13.12 10.22 -8.75
N GLU A 178 13.23 11.28 -7.94
CA GLU A 178 14.14 12.40 -8.18
C GLU A 178 15.54 11.94 -8.63
N LEU A 179 16.17 11.09 -7.82
CA LEU A 179 17.64 10.85 -7.84
C LEU A 179 18.01 9.55 -8.54
N GLY A 180 17.02 8.78 -8.99
CA GLY A 180 17.25 7.52 -9.72
C GLY A 180 18.09 7.72 -10.98
N PRO A 181 17.88 8.81 -11.75
CA PRO A 181 18.65 9.03 -12.97
C PRO A 181 20.05 9.60 -12.70
N LYS A 182 20.36 9.89 -11.42
CA LYS A 182 21.69 10.33 -10.94
C LYS A 182 22.47 9.16 -10.31
N GLY A 183 22.00 7.93 -10.51
CA GLY A 183 22.67 6.74 -9.97
C GLY A 183 22.61 6.63 -8.45
N ILE A 184 21.56 7.23 -7.85
CA ILE A 184 21.29 7.08 -6.42
C ILE A 184 19.99 6.29 -6.21
N ASN A 185 20.13 5.09 -5.63
CA ASN A 185 19.02 4.24 -5.21
C ASN A 185 18.66 4.59 -3.76
N VAL A 186 17.37 4.74 -3.48
CA VAL A 186 16.86 5.32 -2.24
C VAL A 186 15.74 4.38 -1.73
N ASN A 187 15.86 3.88 -0.49
CA ASN A 187 14.96 2.84 0.03
C ASN A 187 14.76 2.97 1.54
N CYS A 188 13.75 2.25 2.04
CA CYS A 188 13.50 2.09 3.46
C CYS A 188 13.57 0.60 3.82
N VAL A 189 14.30 0.27 4.88
CA VAL A 189 14.11 -0.97 5.60
C VAL A 189 13.20 -0.63 6.78
N SER A 190 12.14 -1.41 6.93
CA SER A 190 11.11 -1.16 7.93
C SER A 190 11.18 -2.24 9.02
N PRO A 191 11.80 -1.96 10.18
CA PRO A 191 11.76 -2.89 11.29
C PRO A 191 10.38 -2.92 11.95
N GLY A 192 9.89 -4.13 12.19
CA GLY A 192 8.93 -4.39 13.25
C GLY A 192 9.55 -4.15 14.62
N LEU A 193 9.02 -4.83 15.65
CA LEU A 193 9.48 -4.62 17.04
C LEU A 193 10.80 -5.35 17.25
N VAL A 194 11.88 -4.59 17.58
CA VAL A 194 13.19 -5.19 17.87
C VAL A 194 13.69 -4.67 19.22
N ARG A 195 14.45 -5.53 19.92
CA ARG A 195 14.98 -5.36 21.29
C ARG A 195 15.80 -4.07 21.39
N THR A 196 15.33 -3.17 22.27
CA THR A 196 15.99 -1.93 22.70
C THR A 196 15.82 -0.80 21.69
N GLU A 197 14.98 -0.99 20.68
CA GLU A 197 14.72 0.07 19.72
C GLU A 197 13.34 0.70 20.00
N MET A 198 12.59 0.13 20.97
CA MET A 198 11.29 0.66 21.34
C MET A 198 11.32 1.14 22.80
N ALA A 199 11.40 0.20 23.74
CA ALA A 199 11.34 0.49 25.19
C ALA A 199 10.02 1.18 25.57
N GLU A 200 9.77 1.22 26.89
CA GLU A 200 8.74 2.01 27.61
C GLU A 200 7.34 1.72 27.07
N GLY A 201 6.90 0.47 27.20
CA GLY A 201 5.46 0.10 27.22
C GLY A 201 4.87 -0.28 25.87
N ILE A 202 5.65 -0.94 25.02
CA ILE A 202 5.17 -1.54 23.78
C ILE A 202 6.04 -2.76 23.48
N ASP A 203 5.43 -3.89 23.12
CA ASP A 203 6.19 -5.13 22.92
C ASP A 203 5.40 -6.05 22.01
N PRO A 204 6.05 -7.08 21.44
CA PRO A 204 5.41 -7.97 20.46
C PRO A 204 4.11 -8.68 20.88
N SER A 205 3.94 -8.94 22.18
CA SER A 205 2.85 -9.77 22.68
C SER A 205 1.50 -9.02 22.60
N MET A 206 1.58 -7.69 22.57
CA MET A 206 0.39 -6.84 22.39
C MET A 206 -0.23 -6.96 20.99
N PHE A 207 0.40 -7.71 20.08
CA PHE A 207 -0.01 -7.86 18.67
C PHE A 207 0.11 -9.33 18.26
N ASP A 208 -0.85 -9.78 17.45
CA ASP A 208 -0.90 -11.15 16.95
C ASP A 208 0.00 -11.22 15.73
N LEU A 209 1.31 -11.21 15.98
CA LEU A 209 2.28 -11.32 14.93
C LEU A 209 2.28 -12.75 14.43
N PRO A 210 2.29 -12.96 13.11
CA PRO A 210 2.46 -14.30 12.56
C PRO A 210 3.65 -15.00 13.20
N ILE A 211 4.70 -14.22 13.56
CA ILE A 211 5.93 -14.72 14.17
C ILE A 211 6.13 -14.00 15.51
N ARG A 212 6.08 -14.77 16.60
CA ARG A 212 6.00 -14.24 17.95
C ARG A 212 7.40 -13.77 18.31
N GLY A 213 7.47 -12.78 19.21
CA GLY A 213 8.71 -12.39 19.85
C GLY A 213 9.42 -11.26 19.12
N TRP A 214 10.49 -10.78 19.77
CA TRP A 214 11.29 -9.69 19.35
C TRP A 214 12.16 -10.11 18.15
N ILE A 215 12.68 -9.11 17.41
CA ILE A 215 13.49 -9.32 16.22
C ILE A 215 14.93 -8.95 16.56
N GLU A 216 15.89 -9.82 16.20
CA GLU A 216 17.26 -9.48 16.51
C GLU A 216 17.70 -8.41 15.52
N PRO A 217 18.50 -7.42 15.98
CA PRO A 217 18.92 -6.29 15.15
C PRO A 217 19.67 -6.72 13.88
N ASP A 218 20.27 -7.91 13.93
CA ASP A 218 20.97 -8.52 12.81
C ASP A 218 20.07 -8.70 11.58
N ALA A 219 18.78 -8.97 11.82
CA ALA A 219 17.79 -9.19 10.77
C ALA A 219 17.63 -7.92 9.92
N ILE A 220 17.62 -6.77 10.59
CA ILE A 220 17.51 -5.48 9.95
C ILE A 220 18.78 -5.27 9.10
N ALA A 221 19.94 -5.61 9.65
CA ALA A 221 21.21 -5.39 8.94
C ALA A 221 21.24 -6.26 7.67
N ASP A 222 20.71 -7.48 7.77
CA ASP A 222 20.65 -8.41 6.62
C ASP A 222 19.94 -7.73 5.43
N ALA A 223 18.87 -6.99 5.72
CA ALA A 223 18.11 -6.28 4.70
C ALA A 223 18.97 -5.17 4.08
N VAL A 224 19.72 -4.47 4.94
CA VAL A 224 20.48 -3.31 4.55
C VAL A 224 21.72 -3.73 3.74
N THR A 225 22.34 -4.83 4.15
CA THR A 225 23.39 -5.42 3.35
C THR A 225 22.82 -5.74 1.97
N TYR A 226 21.64 -6.38 1.92
CA TYR A 226 21.04 -6.89 0.66
C TYR A 226 20.81 -5.73 -0.33
N LEU A 227 20.21 -4.66 0.18
CA LEU A 227 19.99 -3.45 -0.58
C LEU A 227 21.29 -2.89 -1.12
N VAL A 228 22.28 -2.79 -0.23
CA VAL A 228 23.51 -2.06 -0.56
C VAL A 228 24.21 -2.76 -1.73
N LYS A 229 24.14 -4.09 -1.74
CA LYS A 229 24.68 -4.89 -2.83
C LYS A 229 23.76 -4.87 -4.05
N SER A 230 22.53 -4.37 -3.91
CA SER A 230 21.54 -4.36 -5.02
C SER A 230 21.73 -3.12 -5.91
N LYS A 231 21.29 -3.25 -7.16
CA LYS A 231 21.46 -2.23 -8.21
C LYS A 231 20.10 -1.83 -8.82
N ASN A 232 19.07 -2.66 -8.67
CA ASN A 232 17.78 -2.51 -9.35
C ASN A 232 16.62 -2.30 -8.36
N VAL A 233 16.93 -1.98 -7.09
CA VAL A 233 15.90 -1.75 -6.08
C VAL A 233 15.93 -0.26 -5.68
N THR A 234 14.86 0.48 -5.99
CA THR A 234 14.71 1.79 -5.38
C THR A 234 13.25 2.12 -5.14
N GLY A 235 13.02 3.06 -4.21
CA GLY A 235 11.71 3.55 -3.85
C GLY A 235 10.83 2.51 -3.17
N THR A 236 11.44 1.55 -2.47
CA THR A 236 10.72 0.49 -1.81
C THR A 236 10.99 0.49 -0.30
N THR A 237 10.10 -0.17 0.41
CA THR A 237 10.27 -0.56 1.78
C THR A 237 10.54 -2.07 1.83
N LEU A 238 11.61 -2.48 2.53
CA LEU A 238 11.79 -3.86 2.94
C LEU A 238 11.35 -3.98 4.40
N SER A 239 10.19 -4.62 4.60
CA SER A 239 9.65 -4.94 5.92
C SER A 239 10.34 -6.17 6.50
N VAL A 240 10.94 -5.99 7.68
CA VAL A 240 11.39 -7.07 8.55
C VAL A 240 10.66 -6.94 9.91
N ASP A 241 9.44 -7.50 9.99
CA ASP A 241 8.53 -7.14 11.07
C ASP A 241 7.71 -8.34 11.57
N ASN A 242 8.24 -9.56 11.44
CA ASN A 242 7.62 -10.77 11.97
C ASN A 242 6.14 -10.86 11.54
N GLY A 243 5.80 -10.25 10.38
CA GLY A 243 4.45 -10.33 9.76
C GLY A 243 3.48 -9.24 10.21
N TYR A 244 3.95 -8.21 10.87
CA TYR A 244 3.09 -7.14 11.34
C TYR A 244 2.28 -6.38 10.32
N CYS A 245 2.85 -6.14 9.17
CA CYS A 245 2.15 -5.36 8.17
C CYS A 245 1.35 -6.22 7.24
N ALA A 246 1.50 -7.51 7.35
CA ALA A 246 0.76 -8.42 6.52
C ALA A 246 -0.73 -8.26 6.72
N SER B 6 -32.94 18.40 15.44
CA SER B 6 -32.00 18.68 14.30
C SER B 6 -30.94 19.69 14.76
N PRO B 7 -30.01 19.30 15.68
CA PRO B 7 -28.98 20.22 16.18
C PRO B 7 -27.85 20.45 15.16
N SER B 8 -27.35 21.69 15.09
CA SER B 8 -26.22 22.04 14.24
C SER B 8 -24.92 21.74 14.99
N LEU B 9 -24.15 20.79 14.45
CA LEU B 9 -22.86 20.37 15.01
C LEU B 9 -21.77 21.33 14.52
N ASN B 10 -20.74 21.53 15.37
CA ASN B 10 -19.62 22.43 15.07
C ASN B 10 -18.52 21.69 14.30
N ALA B 11 -17.92 22.38 13.33
CA ALA B 11 -16.81 21.88 12.50
C ALA B 11 -15.71 22.94 12.42
N LEU B 12 -14.47 22.53 12.70
CA LEU B 12 -13.28 23.33 12.46
C LEU B 12 -12.66 22.94 11.11
N VAL B 13 -12.25 23.93 10.32
CA VAL B 13 -11.61 23.68 9.05
C VAL B 13 -10.46 24.67 8.87
N THR B 14 -9.23 24.17 9.05
CA THR B 14 -8.02 24.96 8.89
C THR B 14 -7.70 25.06 7.40
N GLY B 15 -7.20 26.24 7.00
CA GLY B 15 -7.04 26.59 5.60
C GLY B 15 -8.38 26.54 4.89
N GLY B 16 -9.43 27.02 5.58
CA GLY B 16 -10.80 26.99 5.11
C GLY B 16 -11.14 28.14 4.18
N SER B 17 -10.21 29.10 4.01
CA SER B 17 -10.46 30.35 3.29
C SER B 17 -10.40 30.16 1.77
N ARG B 18 -9.34 29.51 1.28
CA ARG B 18 -9.07 29.41 -0.16
C ARG B 18 -9.53 28.03 -0.65
N GLY B 19 -9.54 27.89 -1.99
CA GLY B 19 -9.49 26.62 -2.73
C GLY B 19 -10.27 25.49 -2.07
N ILE B 20 -9.55 24.40 -1.77
CA ILE B 20 -10.12 23.18 -1.17
C ILE B 20 -10.73 23.50 0.20
N GLY B 21 -10.10 24.41 0.94
CA GLY B 21 -10.65 24.84 2.22
C GLY B 21 -12.07 25.32 2.08
N GLU B 22 -12.27 26.19 1.07
CA GLU B 22 -13.52 26.89 0.86
C GLU B 22 -14.58 25.87 0.49
N ALA B 23 -14.28 25.08 -0.54
CA ALA B 23 -15.20 24.08 -1.01
C ALA B 23 -15.67 23.23 0.19
N ILE B 24 -14.73 22.68 0.97
CA ILE B 24 -15.06 21.85 2.14
C ILE B 24 -16.07 22.59 3.05
N SER B 25 -15.63 23.76 3.53
CA SER B 25 -16.43 24.65 4.39
C SER B 25 -17.84 24.86 3.81
N MET B 26 -17.91 25.24 2.53
CA MET B 26 -19.19 25.49 1.87
C MET B 26 -20.09 24.27 2.07
N GLN B 27 -19.62 23.09 1.63
CA GLN B 27 -20.44 21.87 1.56
C GLN B 27 -20.83 21.40 2.96
N LEU B 28 -19.92 21.54 3.92
CA LEU B 28 -20.24 21.26 5.33
C LEU B 28 -21.46 22.10 5.75
N ALA B 29 -21.39 23.42 5.52
CA ALA B 29 -22.48 24.37 5.87
C ALA B 29 -23.76 24.07 5.07
N ALA B 30 -23.61 23.71 3.79
CA ALA B 30 -24.74 23.29 2.96
C ALA B 30 -25.49 22.13 3.62
N GLU B 31 -24.82 21.37 4.50
CA GLU B 31 -25.39 20.16 5.14
C GLU B 31 -25.83 20.41 6.59
N GLY B 32 -25.48 21.57 7.13
CA GLY B 32 -26.08 22.07 8.38
C GLY B 32 -25.07 22.32 9.48
N TYR B 33 -23.83 21.87 9.29
CA TYR B 33 -22.78 22.01 10.29
C TYR B 33 -22.46 23.50 10.51
N SER B 34 -22.26 23.87 11.77
CA SER B 34 -21.70 25.18 12.15
C SER B 34 -20.18 25.15 11.93
N VAL B 35 -19.69 26.02 11.05
CA VAL B 35 -18.32 25.95 10.60
C VAL B 35 -17.51 27.06 11.28
N THR B 36 -16.30 26.70 11.71
CA THR B 36 -15.26 27.64 12.05
C THR B 36 -14.10 27.49 11.06
N ILE B 37 -13.95 28.47 10.15
CA ILE B 37 -12.83 28.47 9.21
C ILE B 37 -11.66 29.23 9.85
N ALA B 38 -10.45 28.63 9.78
CA ALA B 38 -9.26 29.15 10.42
C ALA B 38 -8.15 29.33 9.39
N SER B 39 -7.57 30.54 9.36
CA SER B 39 -6.52 30.99 8.42
C SER B 39 -5.95 32.34 8.87
N ARG B 40 -4.91 32.82 8.21
CA ARG B 40 -4.28 34.10 8.61
C ARG B 40 -4.96 35.29 7.91
N GLY B 41 -5.35 35.13 6.63
CA GLY B 41 -5.98 36.22 5.85
C GLY B 41 -7.40 36.52 6.34
N LEU B 42 -7.60 37.70 6.95
CA LEU B 42 -8.83 38.03 7.71
C LEU B 42 -9.98 38.47 6.79
N GLU B 43 -9.67 39.15 5.68
CA GLU B 43 -10.68 39.57 4.70
C GLU B 43 -11.30 38.31 4.06
N GLN B 44 -10.45 37.34 3.71
CA GLN B 44 -10.81 36.03 3.13
C GLN B 44 -11.77 35.26 4.05
N LEU B 45 -11.50 35.31 5.36
CA LEU B 45 -12.33 34.61 6.33
C LEU B 45 -13.75 35.19 6.27
N GLU B 46 -13.86 36.54 6.36
CA GLU B 46 -15.14 37.27 6.36
C GLU B 46 -15.87 37.02 5.03
N ALA B 47 -15.11 37.13 3.94
CA ALA B 47 -15.60 36.84 2.60
C ALA B 47 -16.34 35.51 2.62
N VAL B 48 -15.61 34.45 2.99
CA VAL B 48 -16.12 33.11 2.90
C VAL B 48 -17.24 32.94 3.93
N LYS B 49 -17.05 33.44 5.14
CA LYS B 49 -18.05 33.34 6.21
C LYS B 49 -19.38 33.93 5.71
N ALA B 50 -19.30 35.03 4.95
CA ALA B 50 -20.47 35.72 4.40
C ALA B 50 -21.25 34.81 3.45
N LYS B 51 -20.52 33.93 2.72
CA LYS B 51 -21.04 33.10 1.64
C LYS B 51 -21.46 31.70 2.13
N LEU B 52 -21.06 31.32 3.35
CA LEU B 52 -21.41 29.98 3.89
C LEU B 52 -22.92 29.83 3.95
N PRO B 53 -23.54 28.80 3.31
CA PRO B 53 -24.98 28.58 3.41
C PRO B 53 -25.44 28.44 4.88
N ILE B 54 -26.63 29.01 5.16
CA ILE B 54 -27.43 28.76 6.35
C ILE B 54 -28.61 27.89 5.92
N VAL B 55 -28.79 26.72 6.53
CA VAL B 55 -29.89 25.84 6.13
C VAL B 55 -30.61 25.23 7.34
N LYS B 56 -30.09 25.42 8.56
CA LYS B 56 -30.55 24.69 9.77
C LYS B 56 -30.77 25.69 10.93
N GLN B 57 -31.87 25.48 11.68
CA GLN B 57 -32.22 26.33 12.85
C GLN B 57 -30.99 26.45 13.76
N GLY B 58 -30.68 27.67 14.18
CA GLY B 58 -29.49 27.95 14.99
C GLY B 58 -28.24 27.29 14.41
N GLN B 59 -27.95 27.64 13.16
CA GLN B 59 -26.69 27.35 12.53
C GLN B 59 -25.89 28.66 12.52
N THR B 60 -24.66 28.61 13.03
CA THR B 60 -23.83 29.78 13.10
C THR B 60 -22.45 29.41 12.59
N HIS B 61 -21.86 30.31 11.80
CA HIS B 61 -20.47 30.21 11.35
C HIS B 61 -19.59 31.18 12.14
N HIS B 62 -18.27 31.03 11.99
CA HIS B 62 -17.30 31.66 12.87
C HIS B 62 -15.93 31.68 12.20
N VAL B 63 -15.07 32.55 12.66
CA VAL B 63 -13.76 32.63 12.10
C VAL B 63 -12.76 32.56 13.21
N TRP B 64 -11.56 32.22 12.83
CA TRP B 64 -10.47 32.14 13.75
C TRP B 64 -9.30 32.50 12.91
N GLN B 65 -8.77 33.69 13.14
CA GLN B 65 -7.64 34.15 12.41
C GLN B 65 -6.47 33.43 13.02
N LEU B 66 -5.71 32.74 12.21
CA LEU B 66 -4.61 31.97 12.75
C LEU B 66 -3.42 31.68 11.86
N ASP B 67 -2.24 31.95 12.40
CA ASP B 67 -0.95 31.62 11.78
C ASP B 67 -0.72 30.11 11.97
N LEU B 68 -0.88 29.36 10.89
CA LEU B 68 -0.83 27.91 10.95
C LEU B 68 0.62 27.44 11.01
N SER B 69 1.56 28.40 11.00
CA SER B 69 2.98 28.14 11.21
C SER B 69 3.33 28.22 12.70
N ASP B 70 2.40 28.75 13.52
CA ASP B 70 2.57 28.95 14.98
C ASP B 70 2.00 27.74 15.74
N VAL B 71 2.91 26.87 16.19
CA VAL B 71 2.56 25.60 16.77
C VAL B 71 2.02 25.79 18.20
N GLU B 72 2.48 26.83 18.90
CA GLU B 72 2.00 27.09 20.26
C GLU B 72 0.55 27.59 20.19
N ALA B 73 0.27 28.41 19.17
CA ALA B 73 -1.02 29.09 19.00
C ALA B 73 -2.08 28.10 18.53
N ALA B 74 -1.71 27.21 17.62
CA ALA B 74 -2.58 26.11 17.18
C ALA B 74 -2.87 25.19 18.38
N GLY B 75 -1.82 24.90 19.16
CA GLY B 75 -1.89 23.98 20.27
C GLY B 75 -2.75 24.49 21.41
N SER B 76 -2.76 25.81 21.60
CA SER B 76 -3.46 26.40 22.73
C SER B 76 -4.84 26.94 22.29
N PHE B 77 -5.20 26.76 21.01
CA PHE B 77 -6.37 27.41 20.37
C PHE B 77 -6.38 28.92 20.63
N LYS B 78 -5.20 29.54 20.58
CA LYS B 78 -5.05 30.99 20.80
C LYS B 78 -5.88 31.74 19.75
N GLY B 79 -6.81 32.56 20.25
CA GLY B 79 -7.60 33.45 19.44
C GLY B 79 -8.85 32.81 18.87
N ALA B 80 -9.00 31.48 19.01
CA ALA B 80 -10.12 30.76 18.39
C ALA B 80 -11.45 31.25 18.99
N PRO B 81 -12.52 31.30 18.19
CA PRO B 81 -13.82 31.79 18.67
C PRO B 81 -14.60 30.79 19.53
N LEU B 82 -14.19 29.52 19.51
CA LEU B 82 -14.80 28.51 20.35
C LEU B 82 -13.73 27.67 21.04
N PRO B 83 -14.04 27.05 22.19
CA PRO B 83 -13.16 26.04 22.79
C PRO B 83 -13.11 24.76 21.93
N ALA B 84 -12.07 23.97 22.15
CA ALA B 84 -11.86 22.75 21.41
C ALA B 84 -13.05 21.81 21.61
N SER B 85 -13.69 21.89 22.79
CA SER B 85 -14.78 20.99 23.22
C SER B 85 -15.97 21.02 22.25
N SER B 86 -16.19 22.18 21.61
CA SER B 86 -17.32 22.46 20.73
C SER B 86 -17.43 21.48 19.57
N TYR B 87 -16.30 21.04 19.00
CA TYR B 87 -16.26 20.52 17.62
C TYR B 87 -16.43 19.00 17.56
N ASP B 88 -17.41 18.58 16.74
CA ASP B 88 -17.67 17.18 16.40
C ASP B 88 -16.91 16.78 15.14
N VAL B 89 -16.38 17.79 14.43
CA VAL B 89 -15.67 17.63 13.17
C VAL B 89 -14.51 18.62 13.11
N PHE B 90 -13.37 18.11 12.64
CA PHE B 90 -12.18 18.87 12.38
C PHE B 90 -11.56 18.35 11.07
N VAL B 91 -11.40 19.27 10.12
CA VAL B 91 -10.79 18.97 8.85
C VAL B 91 -9.48 19.75 8.75
N SER B 92 -8.37 19.01 8.85
CA SER B 92 -7.04 19.60 8.78
C SER B 92 -6.65 19.73 7.29
N ASN B 93 -6.98 20.89 6.71
CA ASN B 93 -6.60 21.22 5.34
C ASN B 93 -5.49 22.29 5.33
N ALA B 94 -4.98 22.66 6.51
CA ALA B 94 -3.77 23.46 6.62
C ALA B 94 -2.71 22.82 5.74
N GLY B 95 -2.17 23.60 4.80
CA GLY B 95 -1.30 23.06 3.76
C GLY B 95 -0.48 24.11 3.04
N ILE B 96 0.69 23.69 2.55
CA ILE B 96 1.64 24.46 1.74
C ILE B 96 2.42 23.47 0.87
N SER B 97 2.44 23.67 -0.45
CA SER B 97 3.30 22.85 -1.36
C SER B 97 4.50 23.66 -1.86
N GLN B 98 5.65 22.99 -2.03
CA GLN B 98 6.89 23.63 -2.46
C GLN B 98 7.60 22.68 -3.42
N PHE B 99 7.81 23.17 -4.65
CA PHE B 99 8.46 22.44 -5.71
C PHE B 99 9.92 22.92 -5.80
N SER B 100 10.86 21.98 -5.72
CA SER B 100 12.28 22.31 -5.73
C SER B 100 13.11 21.04 -5.79
N PRO B 101 14.33 21.11 -6.40
CA PRO B 101 15.26 20.00 -6.17
C PRO B 101 15.69 20.02 -4.69
N ILE B 102 15.76 18.85 -4.04
CA ILE B 102 16.11 18.83 -2.59
C ILE B 102 17.45 19.52 -2.39
N ALA B 103 18.38 19.36 -3.36
CA ALA B 103 19.70 19.99 -3.28
C ALA B 103 19.58 21.52 -3.24
N GLU B 104 18.50 22.05 -3.81
CA GLU B 104 18.36 23.48 -3.98
C GLU B 104 17.29 24.03 -3.03
N HIS B 105 16.77 23.18 -2.17
CA HIS B 105 15.58 23.52 -1.40
C HIS B 105 16.04 24.24 -0.14
N ALA B 106 15.63 25.49 0.02
CA ALA B 106 16.16 26.37 1.08
C ALA B 106 15.67 25.92 2.46
N ASP B 107 16.60 25.78 3.41
CA ASP B 107 16.32 25.25 4.76
C ASP B 107 15.07 25.90 5.34
N ALA B 108 15.06 27.25 5.36
CA ALA B 108 14.01 28.07 5.98
C ALA B 108 12.64 27.66 5.42
N ASP B 109 12.60 27.34 4.12
CA ASP B 109 11.38 27.06 3.40
C ASP B 109 10.84 25.69 3.81
N TRP B 110 11.59 24.63 3.52
CA TRP B 110 11.10 23.29 3.72
C TRP B 110 10.78 23.02 5.20
N GLN B 111 11.43 23.73 6.12
CA GLN B 111 11.10 23.57 7.53
C GLN B 111 9.78 24.28 7.85
N ASN B 112 9.52 25.41 7.18
CA ASN B 112 8.28 26.14 7.40
C ASN B 112 7.14 25.30 6.83
N MET B 113 7.40 24.61 5.71
CA MET B 113 6.43 23.71 5.14
C MET B 113 6.16 22.59 6.13
N LEU B 114 7.23 22.00 6.66
CA LEU B 114 7.12 20.94 7.65
C LEU B 114 6.23 21.41 8.82
N THR B 115 6.46 22.63 9.31
CA THR B 115 5.74 23.15 10.47
C THR B 115 4.23 23.24 10.18
N VAL B 116 3.86 23.73 8.99
CA VAL B 116 2.48 24.02 8.65
C VAL B 116 1.77 22.71 8.28
N ASN B 117 2.49 21.80 7.62
CA ASN B 117 1.91 20.58 7.05
C ASN B 117 1.75 19.50 8.15
N LEU B 118 2.66 19.49 9.14
CA LEU B 118 2.82 18.31 10.02
C LEU B 118 2.76 18.70 11.50
N THR B 119 3.68 19.58 11.90
CA THR B 119 3.86 19.93 13.29
C THR B 119 2.60 20.61 13.83
N ALA B 120 2.10 21.63 13.13
CA ALA B 120 1.02 22.46 13.65
C ALA B 120 -0.27 21.65 13.71
N PRO B 121 -0.66 20.94 12.64
CA PRO B 121 -1.86 20.08 12.70
C PRO B 121 -1.75 18.96 13.76
N ILE B 122 -0.53 18.54 14.11
CA ILE B 122 -0.37 17.59 15.22
C ILE B 122 -0.72 18.28 16.54
N ALA B 123 -0.23 19.50 16.74
CA ALA B 123 -0.55 20.25 17.95
C ALA B 123 -2.05 20.53 17.98
N LEU B 124 -2.61 20.85 16.80
CA LEU B 124 -4.00 21.17 16.65
C LEU B 124 -4.85 19.93 16.94
N THR B 125 -4.41 18.80 16.40
CA THR B 125 -5.13 17.53 16.59
C THR B 125 -5.13 17.12 18.06
N LYS B 126 -3.96 17.22 18.71
CA LYS B 126 -3.78 16.88 20.11
C LYS B 126 -4.77 17.67 20.98
N ALA B 127 -4.96 18.96 20.67
CA ALA B 127 -5.85 19.87 21.40
C ALA B 127 -7.31 19.42 21.29
N VAL B 128 -7.73 19.10 20.07
CA VAL B 128 -9.09 18.66 19.76
C VAL B 128 -9.37 17.35 20.51
N VAL B 129 -8.46 16.38 20.37
CA VAL B 129 -8.66 15.05 20.93
C VAL B 129 -8.76 15.18 22.47
N LYS B 130 -7.85 15.96 23.06
CA LYS B 130 -7.87 16.27 24.50
C LYS B 130 -9.29 16.60 24.97
N ALA B 131 -9.92 17.55 24.28
CA ALA B 131 -11.09 18.24 24.76
C ALA B 131 -12.39 17.55 24.30
N ILE B 132 -12.30 16.47 23.52
CA ILE B 132 -13.52 15.75 23.06
C ILE B 132 -13.32 14.22 23.15
N SER B 133 -12.16 13.76 23.66
CA SER B 133 -11.87 12.32 23.80
C SER B 133 -12.91 11.62 24.71
N ASP B 134 -13.22 12.22 25.87
CA ASP B 134 -14.01 11.56 26.94
C ASP B 134 -15.50 11.91 26.85
N LYS B 135 -15.85 12.89 26.04
CA LYS B 135 -17.23 13.34 25.86
C LYS B 135 -18.19 12.30 25.36
N PRO B 136 -19.43 12.35 25.84
CA PRO B 136 -20.40 11.35 25.39
C PRO B 136 -21.45 11.94 24.43
N ARG B 137 -21.24 10.30 22.65
CA ARG B 137 -21.96 10.78 21.47
C ARG B 137 -22.75 9.62 20.86
N GLN B 138 -23.78 9.95 20.07
CA GLN B 138 -24.57 8.94 19.34
C GLN B 138 -23.83 8.60 18.03
N THR B 139 -23.50 9.63 17.25
CA THR B 139 -22.65 9.52 16.06
C THR B 139 -21.19 9.78 16.45
N PRO B 140 -20.21 9.07 15.83
CA PRO B 140 -18.81 9.39 16.03
C PRO B 140 -18.49 10.77 15.47
N ALA B 141 -17.53 11.44 16.13
CA ALA B 141 -16.90 12.66 15.60
C ALA B 141 -15.89 12.24 14.51
N HIS B 142 -15.46 13.21 13.69
CA HIS B 142 -14.59 12.92 12.55
C HIS B 142 -13.35 13.83 12.62
N ILE B 143 -12.17 13.24 12.54
CA ILE B 143 -10.99 13.99 12.22
C ILE B 143 -10.54 13.57 10.83
N ILE B 144 -10.54 14.57 9.94
CA ILE B 144 -10.22 14.36 8.55
C ILE B 144 -9.07 15.29 8.20
N PHE B 145 -7.96 14.67 7.76
CA PHE B 145 -6.81 15.39 7.21
C PHE B 145 -6.92 15.41 5.69
N ILE B 146 -6.46 16.50 5.08
CA ILE B 146 -6.26 16.54 3.67
C ILE B 146 -4.79 16.26 3.43
N SER B 147 -4.53 15.29 2.56
CA SER B 147 -3.17 14.89 2.26
C SER B 147 -2.83 15.31 0.83
N THR B 148 -2.14 14.44 0.10
CA THR B 148 -1.93 14.56 -1.29
C THR B 148 -1.60 13.17 -1.81
N ALA B 149 -1.63 13.00 -3.13
CA ALA B 149 -1.35 11.74 -3.78
C ALA B 149 0.15 11.51 -3.81
N PHE B 150 0.90 12.62 -3.73
CA PHE B 150 2.35 12.59 -3.80
C PHE B 150 2.92 11.93 -2.55
N SER B 151 2.10 11.83 -1.50
CA SER B 151 2.46 11.21 -0.24
C SER B 151 2.51 9.67 -0.35
N LYS B 152 1.97 9.07 -1.41
CA LYS B 152 1.97 7.61 -1.57
C LYS B 152 2.63 7.13 -2.86
N ARG B 153 2.78 8.05 -3.84
CA ARG B 153 3.51 7.82 -5.05
C ARG B 153 4.62 8.87 -5.11
N GLY B 154 5.86 8.41 -5.34
CA GLY B 154 7.02 9.30 -5.54
C GLY B 154 6.94 10.13 -6.81
N ALA B 155 7.24 11.43 -6.68
CA ALA B 155 7.42 12.33 -7.80
C ALA B 155 8.61 13.23 -7.52
N PRO B 156 9.49 13.54 -8.51
CA PRO B 156 10.66 14.39 -8.30
C PRO B 156 10.30 15.82 -7.90
N LYS B 157 11.21 16.44 -7.15
CA LYS B 157 11.20 17.87 -6.79
C LYS B 157 10.10 18.16 -5.76
N VAL B 158 9.55 17.10 -5.13
CA VAL B 158 8.51 17.29 -4.10
C VAL B 158 8.82 16.49 -2.83
N ALA B 159 10.11 16.31 -2.52
CA ALA B 159 10.55 15.38 -1.46
C ALA B 159 9.95 15.75 -0.09
N VAL B 160 10.06 17.01 0.34
CA VAL B 160 9.63 17.39 1.70
C VAL B 160 8.11 17.57 1.71
N TYR B 161 7.54 18.11 0.64
CA TYR B 161 6.08 18.19 0.53
C TYR B 161 5.53 16.78 0.71
N SER B 162 5.97 15.86 -0.14
CA SER B 162 5.60 14.45 -0.06
C SER B 162 5.72 13.97 1.40
N ALA B 163 6.95 14.05 1.92
CA ALA B 163 7.30 13.59 3.25
C ALA B 163 6.28 14.10 4.28
N SER B 164 6.04 15.41 4.26
CA SER B 164 5.30 16.13 5.28
C SER B 164 3.88 15.55 5.36
N LYS B 165 3.32 15.23 4.19
CA LYS B 165 1.93 14.77 4.10
C LYS B 165 1.86 13.26 4.35
N ALA B 166 2.94 12.54 4.05
CA ALA B 166 3.05 11.15 4.43
C ALA B 166 3.08 11.05 5.97
N GLY B 167 3.70 12.04 6.63
CA GLY B 167 3.61 12.19 8.07
C GLY B 167 2.16 12.19 8.53
N ILE B 168 1.30 12.91 7.81
CA ILE B 168 -0.12 13.07 8.13
C ILE B 168 -0.85 11.74 7.96
N ASP B 169 -0.46 10.96 6.94
CA ASP B 169 -0.96 9.61 6.69
C ASP B 169 -0.65 8.68 7.87
N GLY B 170 0.60 8.71 8.36
CA GLY B 170 1.01 7.81 9.43
C GLY B 170 0.27 8.12 10.71
N PHE B 171 0.15 9.44 10.93
CA PHE B 171 -0.47 10.03 12.07
C PHE B 171 -1.93 9.56 12.18
N MET B 172 -2.67 9.59 11.07
CA MET B 172 -4.12 9.36 11.13
C MET B 172 -4.41 7.86 11.27
N ARG B 173 -3.59 7.02 10.65
CA ARG B 173 -3.67 5.56 10.79
C ARG B 173 -3.53 5.17 12.26
N SER B 174 -2.48 5.70 12.93
CA SER B 174 -2.24 5.43 14.32
C SER B 174 -3.43 5.93 15.15
N LEU B 175 -3.79 7.20 14.95
CA LEU B 175 -4.87 7.85 15.69
C LEU B 175 -6.18 7.10 15.49
N ALA B 176 -6.38 6.52 14.31
CA ALA B 176 -7.59 5.82 14.06
C ALA B 176 -7.69 4.69 15.08
N ARG B 177 -6.59 3.93 15.16
CA ARG B 177 -6.53 2.77 16.00
C ARG B 177 -6.78 3.21 17.46
N GLU B 178 -6.22 4.36 17.83
CA GLU B 178 -6.21 4.90 19.19
C GLU B 178 -7.59 5.41 19.63
N LEU B 179 -8.31 6.07 18.71
CA LEU B 179 -9.46 6.88 19.09
C LEU B 179 -10.78 6.26 18.62
N GLY B 180 -10.71 5.22 17.79
CA GLY B 180 -11.90 4.54 17.30
C GLY B 180 -12.82 4.17 18.46
N PRO B 181 -12.29 3.46 19.48
CA PRO B 181 -13.06 3.12 20.69
C PRO B 181 -13.64 4.29 21.49
N LYS B 182 -13.19 5.51 21.23
CA LYS B 182 -13.75 6.69 21.88
C LYS B 182 -14.75 7.39 20.94
N GLY B 183 -15.06 6.76 19.80
CA GLY B 183 -16.02 7.32 18.85
C GLY B 183 -15.46 8.51 18.12
N ILE B 184 -14.16 8.46 17.81
CA ILE B 184 -13.57 9.31 16.83
C ILE B 184 -13.12 8.48 15.64
N ASN B 185 -13.63 8.86 14.47
CA ASN B 185 -13.16 8.28 13.25
C ASN B 185 -12.11 9.23 12.65
N VAL B 186 -11.06 8.65 12.06
CA VAL B 186 -9.93 9.41 11.55
C VAL B 186 -9.51 8.85 10.19
N ASN B 187 -9.60 9.69 9.17
CA ASN B 187 -9.19 9.34 7.82
C ASN B 187 -8.47 10.52 7.16
N CYS B 188 -7.94 10.26 5.97
CA CYS B 188 -7.42 11.27 5.07
C CYS B 188 -8.23 11.27 3.78
N VAL B 189 -8.42 12.46 3.21
CA VAL B 189 -8.73 12.62 1.79
C VAL B 189 -7.43 12.99 1.08
N SER B 190 -7.07 12.19 0.08
CA SER B 190 -5.88 12.39 -0.72
C SER B 190 -6.25 13.03 -2.06
N PRO B 191 -6.15 14.38 -2.22
CA PRO B 191 -6.28 15.01 -3.52
C PRO B 191 -5.02 14.85 -4.39
N GLY B 192 -5.23 14.52 -5.67
CA GLY B 192 -4.20 14.73 -6.71
C GLY B 192 -4.02 16.21 -7.00
N LEU B 193 -3.63 16.55 -8.22
CA LEU B 193 -3.43 17.95 -8.61
C LEU B 193 -4.79 18.66 -8.77
N VAL B 194 -4.93 19.77 -8.03
CA VAL B 194 -6.17 20.53 -7.90
C VAL B 194 -5.86 22.01 -8.21
N ARG B 195 -6.79 22.63 -8.97
CA ARG B 195 -6.77 24.07 -9.26
C ARG B 195 -6.42 24.87 -8.00
N THR B 196 -5.24 25.48 -8.00
CA THR B 196 -4.86 26.58 -7.10
C THR B 196 -4.08 26.08 -5.87
N GLU B 197 -4.07 24.78 -5.60
CA GLU B 197 -3.49 24.25 -4.35
C GLU B 197 -2.00 23.91 -4.55
N MET B 198 -1.61 23.67 -5.80
CA MET B 198 -0.30 23.17 -6.13
C MET B 198 0.64 24.31 -6.51
N ALA B 199 1.85 24.28 -5.94
CA ALA B 199 2.95 25.20 -6.26
C ALA B 199 3.24 25.18 -7.76
N GLU B 200 3.27 26.37 -8.37
CA GLU B 200 3.46 26.56 -9.83
C GLU B 200 4.82 25.97 -10.21
N GLY B 201 4.82 25.09 -11.21
CA GLY B 201 6.03 24.35 -11.60
C GLY B 201 5.79 22.86 -11.78
N ILE B 202 4.57 22.40 -11.50
CA ILE B 202 4.16 21.00 -11.52
C ILE B 202 2.68 20.97 -11.94
N ASP B 203 2.31 20.08 -12.87
CA ASP B 203 0.95 20.11 -13.41
C ASP B 203 0.57 18.73 -13.95
N PRO B 204 -0.74 18.44 -14.16
CA PRO B 204 -1.18 17.12 -14.59
C PRO B 204 -0.57 16.58 -15.89
N SER B 205 -0.17 17.46 -16.81
CA SER B 205 0.33 17.01 -18.12
C SER B 205 1.61 16.16 -17.96
N MET B 206 2.27 16.29 -16.80
CA MET B 206 3.55 15.64 -16.51
C MET B 206 3.38 14.17 -16.10
N PHE B 207 2.13 13.70 -15.95
CA PHE B 207 1.82 12.30 -15.53
C PHE B 207 0.79 11.71 -16.51
N ASP B 208 0.83 10.40 -16.69
CA ASP B 208 -0.15 9.76 -17.59
C ASP B 208 -1.39 9.44 -16.76
N LEU B 209 -2.00 10.48 -16.17
CA LEU B 209 -3.19 10.34 -15.38
C LEU B 209 -4.21 9.57 -16.22
N PRO B 210 -4.85 8.53 -15.66
CA PRO B 210 -6.00 7.92 -16.32
C PRO B 210 -7.08 8.94 -16.74
N ILE B 211 -7.24 10.01 -15.95
CA ILE B 211 -8.15 11.12 -16.24
C ILE B 211 -7.34 12.42 -16.37
N ARG B 212 -7.38 13.05 -17.55
CA ARG B 212 -6.59 14.24 -17.85
C ARG B 212 -7.13 15.43 -17.03
N GLY B 213 -6.20 16.28 -16.61
CA GLY B 213 -6.52 17.64 -16.24
C GLY B 213 -6.38 17.91 -14.76
N TRP B 214 -6.74 19.15 -14.42
CA TRP B 214 -6.88 19.56 -13.06
C TRP B 214 -8.22 19.06 -12.52
N ILE B 215 -8.32 19.10 -11.20
CA ILE B 215 -9.46 18.64 -10.45
C ILE B 215 -10.09 19.85 -9.75
N GLU B 216 -11.42 19.91 -9.74
CA GLU B 216 -12.03 21.03 -9.08
C GLU B 216 -12.03 20.75 -7.58
N PRO B 217 -11.78 21.77 -6.73
CA PRO B 217 -11.85 21.61 -5.28
C PRO B 217 -13.12 20.96 -4.76
N ASP B 218 -14.25 21.23 -5.41
CA ASP B 218 -15.55 20.67 -5.06
C ASP B 218 -15.48 19.14 -4.94
N ALA B 219 -14.69 18.49 -5.81
CA ALA B 219 -14.62 17.03 -5.85
C ALA B 219 -13.89 16.51 -4.61
N ILE B 220 -12.99 17.32 -4.05
CA ILE B 220 -12.39 17.00 -2.78
C ILE B 220 -13.47 17.10 -1.70
N ALA B 221 -14.17 18.24 -1.67
CA ALA B 221 -15.13 18.55 -0.64
C ALA B 221 -16.25 17.50 -0.63
N ASP B 222 -16.41 16.80 -1.76
CA ASP B 222 -17.33 15.67 -1.88
C ASP B 222 -16.90 14.51 -0.96
N ALA B 223 -15.66 14.07 -1.14
CA ALA B 223 -15.10 12.95 -0.42
C ALA B 223 -15.19 13.23 1.09
N VAL B 224 -14.90 14.47 1.48
CA VAL B 224 -15.02 14.89 2.85
C VAL B 224 -16.48 14.72 3.29
N THR B 225 -17.39 15.44 2.63
CA THR B 225 -18.79 15.41 3.00
C THR B 225 -19.27 13.96 3.19
N TYR B 226 -18.82 13.05 2.31
CA TYR B 226 -19.15 11.64 2.40
C TYR B 226 -18.60 11.02 3.70
N LEU B 227 -17.34 11.31 4.04
CA LEU B 227 -16.75 10.78 5.25
C LEU B 227 -17.51 11.34 6.47
N VAL B 228 -17.78 12.65 6.45
CA VAL B 228 -18.34 13.30 7.62
C VAL B 228 -19.67 12.61 7.96
N LYS B 229 -20.41 12.17 6.94
CA LYS B 229 -21.76 11.58 7.10
C LYS B 229 -21.70 10.05 7.27
N SER B 230 -20.50 9.46 7.19
CA SER B 230 -20.30 8.03 7.35
C SER B 230 -20.10 7.72 8.83
N LYS B 231 -20.11 6.42 9.18
CA LYS B 231 -20.00 5.96 10.60
C LYS B 231 -19.03 4.78 10.76
N ASN B 232 -18.67 4.10 9.66
CA ASN B 232 -17.91 2.83 9.67
C ASN B 232 -16.59 2.96 8.87
N VAL B 233 -16.09 4.20 8.76
CA VAL B 233 -14.89 4.44 7.99
C VAL B 233 -13.89 5.16 8.88
N THR B 234 -12.75 4.51 9.11
CA THR B 234 -11.65 5.11 9.82
C THR B 234 -10.35 4.45 9.35
N GLY B 235 -9.25 5.18 9.48
CA GLY B 235 -7.93 4.69 9.14
C GLY B 235 -7.70 4.56 7.64
N THR B 236 -8.50 5.27 6.84
CA THR B 236 -8.49 5.11 5.40
C THR B 236 -8.02 6.39 4.72
N THR B 237 -7.46 6.21 3.52
CA THR B 237 -7.22 7.28 2.57
C THR B 237 -8.27 7.22 1.47
N LEU B 238 -8.91 8.37 1.20
CA LEU B 238 -9.86 8.50 0.07
C LEU B 238 -9.20 9.32 -1.04
N SER B 239 -8.74 8.64 -2.08
CA SER B 239 -8.03 9.27 -3.21
C SER B 239 -9.02 9.81 -4.24
N VAL B 240 -9.02 11.15 -4.38
CA VAL B 240 -9.58 11.87 -5.49
C VAL B 240 -8.40 12.42 -6.32
N ASP B 241 -7.81 11.60 -7.19
CA ASP B 241 -6.52 11.95 -7.75
C ASP B 241 -6.44 11.68 -9.26
N ASN B 242 -7.59 11.60 -9.92
CA ASN B 242 -7.68 11.34 -11.36
C ASN B 242 -6.87 10.07 -11.69
N GLY B 243 -6.63 9.23 -10.66
CA GLY B 243 -5.96 7.93 -10.79
C GLY B 243 -4.43 8.01 -10.76
N TYR B 244 -3.88 9.07 -10.22
CA TYR B 244 -2.46 9.20 -10.14
C TYR B 244 -1.83 8.02 -9.47
N CYS B 245 -2.42 7.59 -8.37
CA CYS B 245 -1.91 6.48 -7.59
C CYS B 245 -2.37 5.12 -8.07
N ALA B 246 -3.12 5.06 -9.15
CA ALA B 246 -3.60 3.79 -9.64
C ALA B 246 -2.43 2.97 -10.00
N SER C 6 -32.76 14.80 -19.67
CA SER C 6 -32.71 14.58 -18.19
C SER C 6 -32.85 13.09 -17.86
N PRO C 7 -32.06 12.19 -18.50
CA PRO C 7 -32.43 10.76 -18.62
C PRO C 7 -32.19 9.89 -17.37
N SER C 8 -32.75 8.68 -17.38
CA SER C 8 -32.51 7.64 -16.36
C SER C 8 -31.46 6.64 -16.88
N LEU C 9 -30.24 6.69 -16.33
CA LEU C 9 -29.13 5.81 -16.73
C LEU C 9 -29.32 4.42 -16.15
N ASN C 10 -28.82 3.41 -16.86
CA ASN C 10 -28.90 2.02 -16.45
C ASN C 10 -27.69 1.64 -15.61
N ALA C 11 -27.93 0.85 -14.57
CA ALA C 11 -26.93 0.29 -13.69
C ALA C 11 -27.09 -1.23 -13.65
N LEU C 12 -26.01 -1.98 -13.93
CA LEU C 12 -26.01 -3.43 -13.70
C LEU C 12 -25.33 -3.70 -12.35
N VAL C 13 -25.87 -4.65 -11.58
CA VAL C 13 -25.43 -4.95 -10.21
C VAL C 13 -25.52 -6.46 -9.95
N THR C 14 -24.42 -7.19 -10.11
CA THR C 14 -24.38 -8.64 -9.82
C THR C 14 -24.53 -8.84 -8.31
N GLY C 15 -25.25 -9.90 -7.94
CA GLY C 15 -25.58 -10.20 -6.55
C GLY C 15 -26.53 -9.19 -5.93
N GLY C 16 -27.48 -8.68 -6.73
CA GLY C 16 -28.37 -7.59 -6.32
C GLY C 16 -29.59 -8.08 -5.55
N SER C 17 -29.68 -9.40 -5.33
CA SER C 17 -30.86 -10.08 -4.76
C SER C 17 -30.90 -10.06 -3.23
N ARG C 18 -29.77 -9.79 -2.57
CA ARG C 18 -29.70 -9.73 -1.10
C ARG C 18 -28.41 -9.03 -0.66
N GLY C 19 -28.36 -8.68 0.63
CA GLY C 19 -27.14 -8.22 1.28
C GLY C 19 -26.69 -6.88 0.74
N ILE C 20 -25.37 -6.78 0.50
CA ILE C 20 -24.72 -5.56 0.02
C ILE C 20 -25.36 -5.12 -1.32
N GLY C 21 -25.49 -6.08 -2.23
CA GLY C 21 -26.01 -5.82 -3.58
C GLY C 21 -27.45 -5.33 -3.55
N GLU C 22 -28.20 -5.79 -2.54
CA GLU C 22 -29.54 -5.34 -2.31
C GLU C 22 -29.49 -3.86 -1.92
N ALA C 23 -28.74 -3.56 -0.88
CA ALA C 23 -28.61 -2.19 -0.35
C ALA C 23 -28.13 -1.20 -1.44
N ILE C 24 -27.20 -1.66 -2.30
CA ILE C 24 -26.68 -0.84 -3.39
C ILE C 24 -27.82 -0.57 -4.38
N SER C 25 -28.43 -1.64 -4.89
CA SER C 25 -29.48 -1.56 -5.92
C SER C 25 -30.59 -0.59 -5.49
N MET C 26 -30.98 -0.65 -4.22
CA MET C 26 -32.01 0.22 -3.64
C MET C 26 -31.58 1.69 -3.78
N GLN C 27 -30.42 2.01 -3.20
CA GLN C 27 -29.85 3.36 -3.25
C GLN C 27 -29.67 3.83 -4.70
N LEU C 28 -29.19 2.95 -5.58
CA LEU C 28 -29.05 3.35 -6.98
C LEU C 28 -30.42 3.76 -7.52
N ALA C 29 -31.43 2.92 -7.30
CA ALA C 29 -32.76 3.16 -7.80
C ALA C 29 -33.33 4.44 -7.17
N ALA C 30 -32.95 4.72 -5.92
CA ALA C 30 -33.42 5.92 -5.22
C ALA C 30 -32.82 7.18 -5.85
N GLU C 31 -31.66 7.04 -6.50
CA GLU C 31 -30.95 8.14 -7.20
C GLU C 31 -31.38 8.19 -8.68
N GLY C 32 -32.31 7.31 -9.04
CA GLY C 32 -33.00 7.34 -10.33
C GLY C 32 -32.34 6.45 -11.38
N TYR C 33 -31.54 5.47 -10.96
CA TYR C 33 -30.92 4.56 -11.93
C TYR C 33 -31.95 3.49 -12.29
N SER C 34 -31.83 2.94 -13.51
CA SER C 34 -32.67 1.85 -13.99
C SER C 34 -31.91 0.55 -13.78
N VAL C 35 -32.04 0.03 -12.55
CA VAL C 35 -31.18 -1.02 -12.07
C VAL C 35 -31.66 -2.36 -12.63
N THR C 36 -30.72 -3.08 -13.25
CA THR C 36 -30.79 -4.51 -13.51
C THR C 36 -30.06 -5.23 -12.37
N ILE C 37 -30.70 -6.21 -11.74
CA ILE C 37 -30.04 -7.08 -10.76
C ILE C 37 -29.86 -8.48 -11.36
N ALA C 38 -28.72 -9.08 -11.06
CA ALA C 38 -28.32 -10.36 -11.62
C ALA C 38 -27.92 -11.29 -10.49
N SER C 39 -28.40 -12.54 -10.54
CA SER C 39 -28.12 -13.54 -9.54
C SER C 39 -28.80 -14.84 -9.97
N ARG C 40 -28.72 -15.86 -9.10
CA ARG C 40 -29.02 -17.25 -9.45
C ARG C 40 -30.54 -17.50 -9.32
N GLY C 41 -31.11 -17.02 -8.21
CA GLY C 41 -32.47 -17.36 -7.74
C GLY C 41 -33.49 -16.32 -8.15
N LEU C 42 -34.33 -16.71 -9.12
CA LEU C 42 -35.29 -15.83 -9.80
C LEU C 42 -36.35 -15.32 -8.82
N GLU C 43 -36.74 -16.16 -7.86
CA GLU C 43 -37.77 -15.80 -6.88
C GLU C 43 -37.27 -14.61 -6.04
N GLN C 44 -36.03 -14.75 -5.52
CA GLN C 44 -35.36 -13.73 -4.68
C GLN C 44 -35.15 -12.42 -5.45
N LEU C 45 -34.87 -12.55 -6.76
CA LEU C 45 -34.68 -11.41 -7.69
C LEU C 45 -35.95 -10.54 -7.74
N GLU C 46 -37.07 -11.17 -8.11
CA GLU C 46 -38.37 -10.49 -8.35
C GLU C 46 -38.81 -9.76 -7.08
N ALA C 47 -38.49 -10.34 -5.92
CA ALA C 47 -38.85 -9.75 -4.63
C ALA C 47 -38.14 -8.40 -4.45
N VAL C 48 -36.86 -8.32 -4.82
CA VAL C 48 -36.08 -7.06 -4.74
C VAL C 48 -36.51 -6.11 -5.85
N LYS C 49 -36.75 -6.63 -7.06
CA LYS C 49 -37.23 -5.78 -8.15
C LYS C 49 -38.52 -5.07 -7.71
N ALA C 50 -39.39 -5.83 -7.02
CA ALA C 50 -40.64 -5.29 -6.48
C ALA C 50 -40.33 -4.21 -5.44
N LYS C 51 -39.21 -4.38 -4.70
CA LYS C 51 -38.85 -3.48 -3.62
C LYS C 51 -38.20 -2.20 -4.17
N LEU C 52 -37.49 -2.29 -5.29
CA LEU C 52 -36.70 -1.16 -5.79
C LEU C 52 -37.61 0.06 -5.96
N PRO C 53 -37.21 1.25 -5.47
CA PRO C 53 -37.98 2.48 -5.69
C PRO C 53 -37.99 2.97 -7.14
N ILE C 54 -39.11 3.59 -7.54
CA ILE C 54 -39.25 4.36 -8.78
C ILE C 54 -39.60 5.79 -8.39
N VAL C 55 -38.72 6.74 -8.72
CA VAL C 55 -38.84 8.15 -8.29
C VAL C 55 -38.72 9.08 -9.50
N LYS C 56 -38.88 8.51 -10.70
CA LYS C 56 -38.58 9.20 -11.93
C LYS C 56 -39.29 8.49 -13.09
N GLN C 57 -40.11 9.24 -13.84
CA GLN C 57 -40.63 8.76 -15.12
C GLN C 57 -39.41 8.39 -15.97
N GLY C 58 -39.50 7.28 -16.70
CA GLY C 58 -38.38 6.79 -17.47
C GLY C 58 -37.60 5.72 -16.72
N GLN C 59 -37.70 5.69 -15.39
CA GLN C 59 -36.97 4.73 -14.60
C GLN C 59 -37.68 3.37 -14.64
N THR C 60 -36.90 2.32 -14.87
CA THR C 60 -37.44 0.99 -15.10
C THR C 60 -36.39 -0.05 -14.74
N HIS C 61 -36.68 -0.81 -13.69
CA HIS C 61 -35.80 -1.86 -13.14
C HIS C 61 -36.07 -3.20 -13.83
N HIS C 62 -35.07 -4.10 -13.76
CA HIS C 62 -35.07 -5.37 -14.48
C HIS C 62 -34.43 -6.44 -13.59
N VAL C 63 -34.71 -7.71 -13.90
CA VAL C 63 -34.00 -8.83 -13.29
C VAL C 63 -33.26 -9.61 -14.39
N TRP C 64 -32.14 -10.23 -14.01
CA TRP C 64 -31.34 -11.09 -14.90
C TRP C 64 -30.97 -12.38 -14.15
N GLN C 65 -31.63 -13.49 -14.51
CA GLN C 65 -31.26 -14.78 -13.97
C GLN C 65 -29.91 -15.18 -14.59
N LEU C 66 -28.85 -15.14 -13.78
CA LEU C 66 -27.49 -15.47 -14.22
C LEU C 66 -26.78 -16.27 -13.11
N ASP C 67 -26.30 -17.47 -13.47
CA ASP C 67 -25.43 -18.24 -12.58
C ASP C 67 -24.01 -17.69 -12.72
N LEU C 68 -23.48 -17.37 -11.55
CA LEU C 68 -22.34 -16.54 -11.41
C LEU C 68 -21.10 -17.36 -11.80
N SER C 69 -21.28 -18.69 -11.88
CA SER C 69 -20.21 -19.70 -12.07
C SER C 69 -20.19 -20.28 -13.49
N ASP C 70 -20.95 -19.67 -14.41
CA ASP C 70 -20.85 -19.93 -15.85
C ASP C 70 -20.19 -18.71 -16.52
N VAL C 71 -18.98 -18.92 -17.03
CA VAL C 71 -18.15 -17.83 -17.53
C VAL C 71 -18.54 -17.53 -18.97
N GLU C 72 -18.93 -18.57 -19.73
CA GLU C 72 -19.47 -18.41 -21.10
C GLU C 72 -20.72 -17.55 -21.04
N ALA C 73 -21.54 -17.81 -20.01
CA ALA C 73 -22.85 -17.16 -19.80
C ALA C 73 -22.67 -15.70 -19.40
N ALA C 74 -21.83 -15.48 -18.38
CA ALA C 74 -21.41 -14.15 -17.97
C ALA C 74 -20.80 -13.41 -19.17
N GLY C 75 -19.90 -14.09 -19.86
CA GLY C 75 -19.11 -13.53 -20.94
C GLY C 75 -19.96 -13.12 -22.12
N SER C 76 -20.99 -13.90 -22.43
CA SER C 76 -21.83 -13.67 -23.61
C SER C 76 -23.03 -12.76 -23.30
N PHE C 77 -23.47 -12.69 -22.04
CA PHE C 77 -24.67 -11.91 -21.60
C PHE C 77 -25.96 -12.72 -21.85
N LYS C 78 -25.81 -14.05 -21.72
CA LYS C 78 -26.87 -15.02 -21.87
C LYS C 78 -27.92 -14.79 -20.77
N GLY C 79 -29.06 -14.24 -21.19
CA GLY C 79 -30.23 -14.01 -20.33
C GLY C 79 -30.51 -12.53 -20.07
N ALA C 80 -29.69 -11.64 -20.64
CA ALA C 80 -29.73 -10.23 -20.27
C ALA C 80 -31.06 -9.60 -20.68
N PRO C 81 -31.79 -8.91 -19.77
CA PRO C 81 -32.83 -7.96 -20.16
C PRO C 81 -32.39 -6.97 -21.25
N LEU C 82 -31.28 -6.27 -21.02
CA LEU C 82 -30.89 -5.14 -21.83
C LEU C 82 -29.67 -5.50 -22.66
N PRO C 83 -29.33 -4.65 -23.66
CA PRO C 83 -28.01 -4.70 -24.27
C PRO C 83 -26.92 -4.29 -23.26
N ALA C 84 -25.71 -4.79 -23.52
CA ALA C 84 -24.51 -4.48 -22.79
C ALA C 84 -24.25 -2.97 -22.83
N SER C 85 -24.50 -2.35 -23.99
CA SER C 85 -24.14 -0.95 -24.24
C SER C 85 -25.08 0.01 -23.47
N SER C 86 -26.15 -0.53 -22.90
CA SER C 86 -27.15 0.25 -22.23
C SER C 86 -26.64 0.77 -20.89
N TYR C 87 -25.62 0.08 -20.36
CA TYR C 87 -25.16 0.24 -18.99
C TYR C 87 -24.12 1.36 -18.89
N ASP C 88 -24.42 2.28 -17.97
CA ASP C 88 -23.61 3.42 -17.65
C ASP C 88 -22.84 3.11 -16.35
N VAL C 89 -23.36 2.15 -15.57
CA VAL C 89 -22.82 1.76 -14.28
C VAL C 89 -22.94 0.25 -14.14
N PHE C 90 -21.80 -0.40 -13.91
CA PHE C 90 -21.74 -1.82 -13.61
C PHE C 90 -21.06 -1.96 -12.24
N VAL C 91 -21.79 -2.53 -11.30
CA VAL C 91 -21.29 -2.84 -9.97
C VAL C 91 -21.14 -4.36 -9.86
N SER C 92 -19.90 -4.85 -9.85
CA SER C 92 -19.62 -6.26 -9.72
C SER C 92 -19.60 -6.64 -8.23
N ASN C 93 -20.75 -7.03 -7.68
CA ASN C 93 -20.90 -7.22 -6.23
C ASN C 93 -21.02 -8.69 -5.82
N ALA C 94 -21.08 -9.60 -6.80
CA ALA C 94 -21.31 -11.02 -6.54
C ALA C 94 -20.05 -11.66 -5.96
N GLY C 95 -20.17 -12.31 -4.80
CA GLY C 95 -19.04 -12.94 -4.11
C GLY C 95 -19.46 -14.16 -3.30
N ILE C 96 -18.49 -15.06 -3.05
CA ILE C 96 -18.60 -16.26 -2.21
C ILE C 96 -17.47 -16.20 -1.17
N SER C 97 -17.78 -16.52 0.09
CA SER C 97 -16.80 -16.48 1.20
C SER C 97 -16.77 -17.83 1.91
N GLN C 98 -15.55 -18.31 2.20
CA GLN C 98 -15.29 -19.65 2.74
C GLN C 98 -14.14 -19.52 3.75
N PHE C 99 -14.40 -19.88 5.01
CA PHE C 99 -13.41 -19.91 6.07
C PHE C 99 -12.88 -21.33 6.19
N SER C 100 -11.60 -21.53 5.86
CA SER C 100 -10.96 -22.84 5.98
C SER C 100 -9.43 -22.72 6.06
N PRO C 101 -8.80 -23.52 6.96
CA PRO C 101 -7.37 -23.76 6.86
C PRO C 101 -7.15 -24.34 5.47
N ILE C 102 -6.27 -23.73 4.69
CA ILE C 102 -6.14 -24.02 3.27
C ILE C 102 -5.77 -25.50 3.06
N ALA C 103 -5.16 -26.13 4.08
CA ALA C 103 -4.84 -27.56 4.08
C ALA C 103 -6.12 -28.40 3.85
N GLU C 104 -7.21 -28.15 4.60
CA GLU C 104 -8.49 -28.85 4.32
C GLU C 104 -9.52 -27.86 3.73
N HIS C 105 -9.13 -27.21 2.63
CA HIS C 105 -10.04 -26.44 1.79
C HIS C 105 -10.37 -27.31 0.58
N ALA C 106 -11.65 -27.66 0.43
CA ALA C 106 -12.06 -28.59 -0.61
C ALA C 106 -11.81 -27.95 -1.97
N ASP C 107 -11.17 -28.73 -2.86
CA ASP C 107 -10.74 -28.25 -4.17
C ASP C 107 -11.92 -27.60 -4.90
N ALA C 108 -13.08 -28.28 -4.88
CA ALA C 108 -14.24 -27.86 -5.65
C ALA C 108 -14.85 -26.56 -5.09
N ASP C 109 -14.74 -26.37 -3.77
CA ASP C 109 -15.29 -25.20 -3.09
C ASP C 109 -14.50 -23.93 -3.48
N TRP C 110 -13.17 -23.96 -3.34
CA TRP C 110 -12.37 -22.77 -3.60
C TRP C 110 -12.26 -22.51 -5.10
N GLN C 111 -12.18 -23.56 -5.91
CA GLN C 111 -12.10 -23.37 -7.38
C GLN C 111 -13.37 -22.65 -7.87
N ASN C 112 -14.50 -23.02 -7.26
CA ASN C 112 -15.83 -22.46 -7.55
C ASN C 112 -15.91 -21.00 -7.08
N MET C 113 -15.48 -20.77 -5.83
CA MET C 113 -15.35 -19.42 -5.25
C MET C 113 -14.44 -18.54 -6.11
N LEU C 114 -13.40 -19.15 -6.70
CA LEU C 114 -12.47 -18.42 -7.56
C LEU C 114 -13.19 -17.92 -8.81
N THR C 115 -13.98 -18.83 -9.39
CA THR C 115 -14.75 -18.59 -10.60
C THR C 115 -15.76 -17.46 -10.37
N VAL C 116 -16.49 -17.55 -9.25
CA VAL C 116 -17.54 -16.62 -8.94
C VAL C 116 -16.91 -15.25 -8.65
N ASN C 117 -15.82 -15.25 -7.87
CA ASN C 117 -15.25 -14.03 -7.35
C ASN C 117 -14.44 -13.28 -8.42
N LEU C 118 -13.78 -14.02 -9.33
CA LEU C 118 -12.78 -13.36 -10.17
C LEU C 118 -12.95 -13.67 -11.65
N THR C 119 -12.97 -14.95 -12.00
CA THR C 119 -12.99 -15.38 -13.40
C THR C 119 -14.22 -14.82 -14.15
N ALA C 120 -15.41 -15.03 -13.57
CA ALA C 120 -16.65 -14.68 -14.22
C ALA C 120 -16.76 -13.16 -14.34
N PRO C 121 -16.61 -12.41 -13.21
CA PRO C 121 -16.54 -10.94 -13.25
C PRO C 121 -15.54 -10.39 -14.28
N ILE C 122 -14.44 -11.11 -14.56
CA ILE C 122 -13.56 -10.67 -15.63
C ILE C 122 -14.30 -10.76 -16.95
N ALA C 123 -14.96 -11.90 -17.21
CA ALA C 123 -15.65 -12.11 -18.49
C ALA C 123 -16.79 -11.09 -18.69
N LEU C 124 -17.60 -10.93 -17.65
CA LEU C 124 -18.71 -9.99 -17.63
C LEU C 124 -18.19 -8.55 -17.80
N THR C 125 -17.13 -8.20 -17.08
CA THR C 125 -16.52 -6.87 -17.13
C THR C 125 -16.03 -6.58 -18.55
N LYS C 126 -15.57 -7.62 -19.25
CA LYS C 126 -15.09 -7.53 -20.64
C LYS C 126 -16.26 -7.23 -21.58
N ALA C 127 -17.37 -7.96 -21.41
CA ALA C 127 -18.56 -7.74 -22.21
C ALA C 127 -18.95 -6.27 -22.10
N VAL C 128 -19.01 -5.78 -20.86
CA VAL C 128 -19.49 -4.46 -20.59
C VAL C 128 -18.52 -3.46 -21.20
N VAL C 129 -17.21 -3.73 -21.11
CA VAL C 129 -16.23 -2.79 -21.63
C VAL C 129 -16.24 -2.84 -23.18
N LYS C 130 -16.28 -4.04 -23.78
CA LYS C 130 -16.37 -4.18 -25.26
C LYS C 130 -17.54 -3.33 -25.78
N ALA C 131 -18.62 -3.22 -24.98
CA ALA C 131 -19.88 -2.56 -25.37
C ALA C 131 -19.80 -1.03 -25.21
N ILE C 132 -19.27 -0.55 -24.07
CA ILE C 132 -19.50 0.84 -23.63
C ILE C 132 -18.25 1.72 -23.82
N SER C 133 -17.18 1.15 -24.41
CA SER C 133 -15.89 1.83 -24.61
C SER C 133 -16.05 3.11 -25.42
N ASP C 134 -16.43 2.95 -26.69
CA ASP C 134 -16.36 4.01 -27.68
C ASP C 134 -17.60 4.90 -27.62
N LYS C 135 -18.55 4.60 -26.71
CA LYS C 135 -19.76 5.40 -26.54
C LYS C 135 -19.38 6.82 -26.11
N PRO C 136 -20.05 7.87 -26.62
CA PRO C 136 -19.98 9.21 -26.01
C PRO C 136 -20.80 9.29 -24.72
N ARG C 137 -20.48 10.29 -23.89
CA ARG C 137 -21.10 10.49 -22.58
C ARG C 137 -20.56 11.77 -21.93
N GLN C 138 -21.47 12.68 -21.57
CA GLN C 138 -21.15 13.89 -20.79
C GLN C 138 -20.14 13.53 -19.68
N THR C 139 -20.61 12.72 -18.73
CA THR C 139 -19.90 12.33 -17.53
C THR C 139 -19.41 10.90 -17.69
N PRO C 140 -18.47 10.41 -16.85
CA PRO C 140 -17.84 9.12 -17.08
C PRO C 140 -18.66 7.94 -16.57
N ALA C 141 -18.45 6.78 -17.19
CA ALA C 141 -19.10 5.55 -16.83
C ALA C 141 -18.35 4.90 -15.66
N HIS C 142 -19.05 4.09 -14.87
CA HIS C 142 -18.49 3.53 -13.65
C HIS C 142 -18.54 2.00 -13.68
N ILE C 143 -17.36 1.40 -13.53
CA ILE C 143 -17.25 0.01 -13.12
C ILE C 143 -16.76 0.04 -11.67
N ILE C 144 -17.48 -0.67 -10.82
CA ILE C 144 -17.22 -0.71 -9.39
C ILE C 144 -17.34 -2.16 -8.91
N PHE C 145 -16.21 -2.73 -8.46
CA PHE C 145 -16.19 -4.05 -7.85
C PHE C 145 -16.30 -3.89 -6.35
N ILE C 146 -16.99 -4.83 -5.72
CA ILE C 146 -16.97 -5.03 -4.27
C ILE C 146 -15.92 -6.10 -3.96
N SER C 147 -14.78 -5.66 -3.40
CA SER C 147 -13.71 -6.53 -2.94
C SER C 147 -13.97 -6.90 -1.47
N THR C 148 -12.92 -6.96 -0.66
CA THR C 148 -13.05 -7.15 0.78
C THR C 148 -11.77 -6.72 1.51
N ALA C 149 -11.91 -6.39 2.79
CA ALA C 149 -10.79 -5.95 3.58
C ALA C 149 -9.66 -6.99 3.55
N PHE C 150 -10.03 -8.28 3.53
CA PHE C 150 -9.09 -9.38 3.69
C PHE C 150 -8.20 -9.47 2.46
N SER C 151 -8.57 -8.78 1.40
CA SER C 151 -7.76 -8.73 0.20
C SER C 151 -6.50 -7.90 0.45
N LYS C 152 -6.55 -6.98 1.44
CA LYS C 152 -5.52 -5.95 1.69
C LYS C 152 -4.73 -6.24 2.97
N ARG C 153 -5.41 -6.57 4.08
CA ARG C 153 -4.72 -7.09 5.27
C ARG C 153 -5.08 -8.56 5.39
N GLY C 154 -4.08 -9.43 5.26
CA GLY C 154 -4.28 -10.87 5.37
C GLY C 154 -4.92 -11.25 6.69
N ALA C 155 -5.62 -12.39 6.68
CA ALA C 155 -6.21 -12.98 7.86
C ALA C 155 -6.13 -14.51 7.76
N PRO C 156 -6.11 -15.24 8.88
CA PRO C 156 -5.96 -16.69 8.82
C PRO C 156 -7.20 -17.40 8.25
N LYS C 157 -6.96 -18.50 7.54
CA LYS C 157 -8.00 -19.47 7.15
C LYS C 157 -8.95 -18.84 6.13
N VAL C 158 -8.45 -17.89 5.33
CA VAL C 158 -9.23 -17.25 4.24
C VAL C 158 -8.31 -16.90 3.07
N ALA C 159 -7.40 -17.81 2.74
CA ALA C 159 -6.37 -17.51 1.73
C ALA C 159 -7.02 -17.30 0.35
N VAL C 160 -7.73 -18.32 -0.13
CA VAL C 160 -8.16 -18.37 -1.49
C VAL C 160 -9.22 -17.29 -1.70
N TYR C 161 -9.99 -17.01 -0.65
CA TYR C 161 -10.94 -15.90 -0.65
C TYR C 161 -10.20 -14.60 -0.96
N SER C 162 -9.18 -14.30 -0.14
CA SER C 162 -8.46 -13.06 -0.22
C SER C 162 -7.76 -12.98 -1.59
N ALA C 163 -7.29 -14.13 -2.07
CA ALA C 163 -6.64 -14.20 -3.34
C ALA C 163 -7.58 -13.72 -4.44
N SER C 164 -8.79 -14.28 -4.46
CA SER C 164 -9.73 -13.99 -5.51
C SER C 164 -10.05 -12.48 -5.52
N LYS C 165 -10.28 -11.89 -4.35
CA LYS C 165 -10.73 -10.48 -4.26
C LYS C 165 -9.54 -9.52 -4.48
N ALA C 166 -8.34 -9.91 -4.01
CA ALA C 166 -7.12 -9.17 -4.30
C ALA C 166 -6.86 -9.22 -5.81
N GLY C 167 -7.18 -10.37 -6.42
CA GLY C 167 -7.16 -10.51 -7.85
C GLY C 167 -8.02 -9.44 -8.52
N ILE C 168 -9.17 -9.14 -7.90
CA ILE C 168 -10.13 -8.12 -8.39
C ILE C 168 -9.50 -6.73 -8.25
N ASP C 169 -8.89 -6.47 -7.10
CA ASP C 169 -8.24 -5.21 -6.85
C ASP C 169 -7.24 -4.97 -7.98
N GLY C 170 -6.57 -6.04 -8.39
CA GLY C 170 -5.54 -5.95 -9.41
C GLY C 170 -6.11 -5.59 -10.77
N PHE C 171 -7.13 -6.35 -11.16
CA PHE C 171 -7.88 -6.16 -12.37
C PHE C 171 -8.25 -4.68 -12.47
N MET C 172 -8.82 -4.14 -11.39
CA MET C 172 -9.44 -2.83 -11.42
C MET C 172 -8.38 -1.74 -11.56
N ARG C 173 -7.18 -1.97 -11.01
CA ARG C 173 -6.08 -0.98 -11.09
C ARG C 173 -5.68 -0.79 -12.56
N SER C 174 -5.34 -1.91 -13.21
CA SER C 174 -5.03 -1.93 -14.64
C SER C 174 -6.18 -1.32 -15.45
N LEU C 175 -7.42 -1.73 -15.17
CA LEU C 175 -8.57 -1.27 -16.00
C LEU C 175 -8.73 0.24 -15.84
N ALA C 176 -8.52 0.74 -14.62
CA ALA C 176 -8.66 2.18 -14.39
C ALA C 176 -7.70 2.93 -15.32
N ARG C 177 -6.54 2.32 -15.58
CA ARG C 177 -5.45 2.92 -16.35
C ARG C 177 -5.76 2.76 -17.84
N GLU C 178 -6.29 1.58 -18.22
CA GLU C 178 -6.64 1.28 -19.61
C GLU C 178 -7.82 2.14 -20.09
N LEU C 179 -8.84 2.36 -19.24
CA LEU C 179 -10.18 2.90 -19.63
C LEU C 179 -10.42 4.33 -19.15
N GLY C 180 -9.51 4.89 -18.36
CA GLY C 180 -9.57 6.30 -18.06
C GLY C 180 -9.85 7.14 -19.30
N PRO C 181 -8.98 7.14 -20.34
CA PRO C 181 -9.23 7.91 -21.56
C PRO C 181 -10.55 7.56 -22.28
N LYS C 182 -10.99 6.29 -22.19
CA LYS C 182 -12.22 5.83 -22.81
C LYS C 182 -13.46 6.25 -21.98
N GLY C 183 -13.23 7.04 -20.94
CA GLY C 183 -14.30 7.73 -20.23
C GLY C 183 -14.86 6.92 -19.08
N ILE C 184 -14.27 5.74 -18.82
CA ILE C 184 -14.70 4.87 -17.71
C ILE C 184 -13.73 5.01 -16.52
N ASN C 185 -14.34 5.32 -15.36
CA ASN C 185 -13.69 5.23 -14.05
C ASN C 185 -13.93 3.84 -13.43
N VAL C 186 -12.92 3.32 -12.72
CA VAL C 186 -12.92 1.94 -12.22
C VAL C 186 -12.36 1.96 -10.81
N ASN C 187 -13.14 1.46 -9.86
CA ASN C 187 -12.80 1.55 -8.45
C ASN C 187 -13.33 0.31 -7.73
N CYS C 188 -12.83 0.10 -6.50
CA CYS C 188 -13.32 -0.94 -5.63
C CYS C 188 -13.92 -0.31 -4.38
N VAL C 189 -14.95 -0.95 -3.83
CA VAL C 189 -15.31 -0.70 -2.46
C VAL C 189 -14.97 -1.98 -1.71
N SER C 190 -14.28 -1.81 -0.57
CA SER C 190 -13.80 -2.92 0.24
C SER C 190 -14.56 -2.97 1.57
N PRO C 191 -15.61 -3.82 1.68
CA PRO C 191 -16.39 -3.91 2.91
C PRO C 191 -15.57 -4.75 3.89
N GLY C 192 -15.70 -4.46 5.18
CA GLY C 192 -15.26 -5.37 6.25
C GLY C 192 -16.34 -6.38 6.54
N LEU C 193 -16.59 -6.63 7.84
CA LEU C 193 -17.62 -7.56 8.27
C LEU C 193 -19.00 -6.88 8.22
N VAL C 194 -19.89 -7.42 7.40
CA VAL C 194 -21.19 -6.81 7.18
C VAL C 194 -22.27 -7.83 7.50
N ARG C 195 -23.39 -7.34 8.06
CA ARG C 195 -24.51 -8.14 8.56
C ARG C 195 -25.23 -8.81 7.39
N THR C 196 -24.76 -9.99 6.99
CA THR C 196 -25.30 -10.76 5.86
C THR C 196 -25.14 -12.25 6.15
N GLU C 197 -25.28 -13.07 5.11
CA GLU C 197 -25.00 -14.52 5.16
C GLU C 197 -23.60 -14.80 4.60
N MET C 198 -22.62 -14.00 4.99
CA MET C 198 -21.26 -14.18 4.50
C MET C 198 -20.48 -15.10 5.42
N ALA C 199 -20.03 -16.24 4.90
CA ALA C 199 -19.27 -17.28 5.62
C ALA C 199 -19.92 -17.90 6.85
N GLU C 200 -20.05 -17.11 7.91
CA GLU C 200 -20.68 -17.41 9.19
C GLU C 200 -19.87 -18.10 10.25
N GLY C 201 -20.12 -17.64 11.46
CA GLY C 201 -19.41 -18.07 12.63
C GLY C 201 -18.56 -16.90 13.07
N ILE C 202 -18.02 -16.19 12.10
CA ILE C 202 -17.17 -15.07 12.36
C ILE C 202 -17.89 -13.81 12.82
N ASP C 203 -17.63 -13.45 14.05
CA ASP C 203 -18.17 -12.24 14.69
C ASP C 203 -17.11 -11.13 14.63
N PRO C 204 -17.56 -9.85 14.51
CA PRO C 204 -16.71 -8.69 14.77
C PRO C 204 -15.91 -8.66 16.08
N SER C 205 -16.24 -9.57 17.00
CA SER C 205 -15.49 -9.79 18.24
C SER C 205 -14.10 -10.36 17.97
N MET C 206 -13.94 -11.10 16.86
CA MET C 206 -12.78 -11.98 16.62
C MET C 206 -11.59 -11.21 16.04
N PHE C 207 -11.77 -9.91 15.76
CA PHE C 207 -10.70 -9.01 15.38
C PHE C 207 -10.74 -7.79 16.31
N ASP C 208 -9.58 -7.13 16.47
CA ASP C 208 -9.47 -5.94 17.30
C ASP C 208 -9.82 -4.72 16.44
N LEU C 209 -11.11 -4.49 16.24
CA LEU C 209 -11.62 -3.41 15.40
C LEU C 209 -11.68 -2.10 16.16
N PRO C 210 -11.14 -0.98 15.60
CA PRO C 210 -11.20 0.32 16.28
C PRO C 210 -12.65 0.76 16.58
N ILE C 211 -13.54 0.34 15.67
CA ILE C 211 -14.98 0.47 15.71
C ILE C 211 -15.58 -0.92 15.90
N ARG C 212 -16.20 -1.17 17.06
CA ARG C 212 -16.77 -2.48 17.37
C ARG C 212 -18.11 -2.64 16.64
N GLY C 213 -18.33 -3.83 16.08
CA GLY C 213 -19.64 -4.23 15.60
C GLY C 213 -19.64 -4.59 14.13
N TRP C 214 -20.82 -5.03 13.66
CA TRP C 214 -21.07 -5.30 12.26
C TRP C 214 -21.18 -3.97 11.51
N ILE C 215 -20.83 -4.02 10.21
CA ILE C 215 -21.13 -2.98 9.28
C ILE C 215 -22.48 -3.32 8.65
N GLU C 216 -23.34 -2.30 8.52
CA GLU C 216 -24.68 -2.43 7.94
C GLU C 216 -24.56 -2.30 6.42
N PRO C 217 -25.09 -3.26 5.62
CA PRO C 217 -24.97 -3.22 4.16
C PRO C 217 -25.21 -1.87 3.48
N ASP C 218 -26.06 -1.05 4.09
CA ASP C 218 -26.38 0.29 3.65
C ASP C 218 -25.12 1.15 3.52
N ALA C 219 -24.20 0.97 4.47
CA ALA C 219 -22.98 1.75 4.59
C ALA C 219 -22.08 1.51 3.37
N ILE C 220 -22.05 0.26 2.91
CA ILE C 220 -21.31 -0.10 1.71
C ILE C 220 -21.90 0.64 0.51
N ALA C 221 -23.23 0.69 0.44
CA ALA C 221 -23.96 1.27 -0.67
C ALA C 221 -23.68 2.77 -0.73
N ASP C 222 -23.46 3.38 0.44
CA ASP C 222 -23.10 4.79 0.52
C ASP C 222 -21.81 5.03 -0.28
N ALA C 223 -20.86 4.10 -0.18
CA ALA C 223 -19.59 4.21 -0.91
C ALA C 223 -19.83 4.13 -2.43
N VAL C 224 -20.70 3.21 -2.85
CA VAL C 224 -20.99 3.02 -4.27
C VAL C 224 -21.71 4.27 -4.82
N THR C 225 -22.79 4.68 -4.15
CA THR C 225 -23.48 5.91 -4.49
C THR C 225 -22.48 7.06 -4.65
N TYR C 226 -21.58 7.29 -3.68
CA TYR C 226 -20.61 8.41 -3.76
C TYR C 226 -19.73 8.30 -5.02
N LEU C 227 -19.22 7.10 -5.30
CA LEU C 227 -18.34 6.82 -6.44
C LEU C 227 -19.03 7.17 -7.77
N VAL C 228 -20.23 6.62 -7.94
CA VAL C 228 -21.07 6.77 -9.12
C VAL C 228 -21.39 8.26 -9.38
N LYS C 229 -21.42 9.10 -8.33
CA LYS C 229 -21.71 10.55 -8.44
C LYS C 229 -20.45 11.36 -8.72
N SER C 230 -19.29 10.67 -8.78
CA SER C 230 -17.99 11.33 -8.86
C SER C 230 -17.44 11.23 -10.29
N LYS C 231 -16.45 12.09 -10.58
CA LYS C 231 -15.83 12.17 -11.90
C LYS C 231 -14.34 11.85 -11.82
N ASN C 232 -13.66 12.38 -10.81
CA ASN C 232 -12.19 12.38 -10.71
C ASN C 232 -11.70 11.26 -9.76
N VAL C 233 -12.44 10.14 -9.66
CA VAL C 233 -12.07 9.04 -8.78
C VAL C 233 -11.98 7.74 -9.58
N THR C 234 -10.80 7.15 -9.60
CA THR C 234 -10.53 5.98 -10.38
C THR C 234 -9.23 5.37 -9.84
N GLY C 235 -9.16 4.05 -9.89
CA GLY C 235 -8.01 3.31 -9.43
C GLY C 235 -7.97 3.10 -7.91
N THR C 236 -9.02 3.51 -7.18
CA THR C 236 -8.98 3.58 -5.71
C THR C 236 -9.93 2.55 -5.11
N THR C 237 -9.56 2.08 -3.92
CA THR C 237 -10.42 1.36 -3.05
C THR C 237 -10.95 2.31 -1.99
N LEU C 238 -12.28 2.32 -1.81
CA LEU C 238 -12.87 2.83 -0.58
C LEU C 238 -12.97 1.68 0.42
N SER C 239 -12.40 1.88 1.60
CA SER C 239 -12.55 0.97 2.69
C SER C 239 -13.64 1.45 3.65
N VAL C 240 -14.69 0.63 3.75
CA VAL C 240 -15.69 0.73 4.81
C VAL C 240 -15.58 -0.55 5.65
N ASP C 241 -14.67 -0.54 6.63
CA ASP C 241 -14.22 -1.80 7.28
C ASP C 241 -14.06 -1.67 8.81
N ASN C 242 -14.61 -0.60 9.39
CA ASN C 242 -14.50 -0.32 10.82
C ASN C 242 -13.04 -0.21 11.26
N GLY C 243 -12.14 0.14 10.34
CA GLY C 243 -10.72 0.37 10.67
C GLY C 243 -9.89 -0.90 10.64
N TYR C 244 -10.43 -1.97 10.10
CA TYR C 244 -9.74 -3.24 10.04
C TYR C 244 -8.40 -3.15 9.35
N CYS C 245 -8.35 -2.38 8.29
CA CYS C 245 -7.14 -2.21 7.52
C CYS C 245 -6.26 -1.11 8.00
N ALA C 246 -6.68 -0.42 9.05
CA ALA C 246 -5.90 0.66 9.55
C ALA C 246 -4.60 0.15 10.14
N PRO D 7 22.81 -30.68 6.73
CA PRO D 7 21.91 -31.42 5.85
C PRO D 7 21.26 -30.56 4.76
N SER D 8 21.32 -31.06 3.52
CA SER D 8 20.92 -30.34 2.31
C SER D 8 19.39 -30.22 2.24
N LEU D 9 18.89 -29.01 2.48
CA LEU D 9 17.45 -28.72 2.45
C LEU D 9 16.93 -28.78 1.00
N ASN D 10 15.66 -29.20 0.86
CA ASN D 10 15.00 -29.40 -0.43
C ASN D 10 14.14 -28.18 -0.77
N ALA D 11 14.35 -27.65 -1.98
CA ALA D 11 13.62 -26.49 -2.52
C ALA D 11 12.97 -26.85 -3.85
N LEU D 12 11.67 -26.53 -3.94
CA LEU D 12 10.90 -26.65 -5.15
C LEU D 12 10.82 -25.28 -5.82
N VAL D 13 11.21 -25.20 -7.10
CA VAL D 13 11.10 -23.97 -7.88
C VAL D 13 10.32 -24.27 -9.17
N THR D 14 9.06 -23.86 -9.22
CA THR D 14 8.25 -23.95 -10.46
C THR D 14 8.71 -22.86 -11.46
N GLY D 15 8.64 -23.21 -12.74
CA GLY D 15 9.10 -22.34 -13.81
C GLY D 15 10.60 -22.14 -13.76
N GLY D 16 11.33 -23.23 -13.49
CA GLY D 16 12.79 -23.22 -13.26
C GLY D 16 13.60 -23.45 -14.53
N SER D 17 12.91 -23.55 -15.67
CA SER D 17 13.46 -23.91 -16.98
C SER D 17 14.38 -22.82 -17.51
N ARG D 18 14.00 -21.56 -17.28
CA ARG D 18 14.56 -20.42 -18.01
C ARG D 18 14.52 -19.17 -17.13
N GLY D 19 15.17 -18.12 -17.61
CA GLY D 19 15.10 -16.78 -17.05
C GLY D 19 15.20 -16.78 -15.53
N ILE D 20 14.15 -16.22 -14.91
CA ILE D 20 14.13 -15.90 -13.49
C ILE D 20 14.19 -17.20 -12.69
N GLY D 21 13.47 -18.22 -13.12
CA GLY D 21 13.43 -19.49 -12.42
C GLY D 21 14.79 -20.17 -12.43
N GLU D 22 15.48 -20.06 -13.58
CA GLU D 22 16.82 -20.58 -13.71
C GLU D 22 17.72 -19.83 -12.72
N ALA D 23 17.75 -18.50 -12.85
CA ALA D 23 18.56 -17.66 -12.01
C ALA D 23 18.32 -18.02 -10.53
N ILE D 24 17.06 -18.29 -10.17
CA ILE D 24 16.71 -18.65 -8.80
C ILE D 24 17.29 -20.03 -8.46
N SER D 25 16.97 -21.03 -9.30
CA SER D 25 17.38 -22.41 -9.04
C SER D 25 18.90 -22.50 -8.88
N MET D 26 19.64 -21.75 -9.71
CA MET D 26 21.11 -21.70 -9.66
C MET D 26 21.54 -21.17 -8.29
N GLN D 27 21.08 -19.96 -7.91
CA GLN D 27 21.47 -19.37 -6.64
C GLN D 27 21.13 -20.31 -5.48
N LEU D 28 19.99 -20.99 -5.54
CA LEU D 28 19.62 -21.91 -4.47
C LEU D 28 20.59 -23.12 -4.41
N ALA D 29 20.91 -23.71 -5.58
CA ALA D 29 21.91 -24.77 -5.65
C ALA D 29 23.24 -24.27 -5.08
N ALA D 30 23.60 -23.04 -5.43
CA ALA D 30 24.85 -22.42 -5.00
C ALA D 30 24.86 -22.26 -3.48
N GLU D 31 23.68 -22.15 -2.85
CA GLU D 31 23.53 -22.02 -1.39
C GLU D 31 23.32 -23.39 -0.72
N GLY D 32 23.48 -24.49 -1.47
CA GLY D 32 23.57 -25.85 -0.89
C GLY D 32 22.24 -26.61 -0.89
N TYR D 33 21.23 -26.03 -1.53
CA TYR D 33 19.87 -26.58 -1.55
C TYR D 33 19.74 -27.60 -2.67
N SER D 34 18.94 -28.63 -2.40
CA SER D 34 18.57 -29.61 -3.38
C SER D 34 17.36 -29.08 -4.15
N VAL D 35 17.58 -28.78 -5.43
CA VAL D 35 16.64 -28.02 -6.23
C VAL D 35 15.87 -28.96 -7.15
N THR D 36 14.54 -29.03 -6.95
CA THR D 36 13.60 -29.59 -7.93
C THR D 36 13.05 -28.42 -8.76
N ILE D 37 13.23 -28.53 -10.09
CA ILE D 37 12.65 -27.63 -11.08
C ILE D 37 11.49 -28.36 -11.78
N ALA D 38 10.41 -27.61 -12.05
CA ALA D 38 9.17 -28.13 -12.59
C ALA D 38 8.72 -27.24 -13.76
N SER D 39 8.40 -27.86 -14.91
CA SER D 39 8.11 -27.16 -16.18
C SER D 39 7.61 -28.14 -17.24
N ARG D 40 7.13 -27.58 -18.37
CA ARG D 40 6.70 -28.34 -19.54
C ARG D 40 7.94 -28.98 -20.18
N GLY D 41 8.88 -28.11 -20.57
CA GLY D 41 10.07 -28.51 -21.33
C GLY D 41 11.01 -29.37 -20.51
N LEU D 42 11.16 -30.64 -20.92
CA LEU D 42 12.07 -31.63 -20.29
C LEU D 42 13.48 -31.46 -20.87
N GLU D 43 13.58 -31.49 -22.21
CA GLU D 43 14.82 -31.12 -22.90
C GLU D 43 15.50 -30.00 -22.10
N GLN D 44 14.74 -28.93 -21.83
CA GLN D 44 15.24 -27.70 -21.19
C GLN D 44 15.61 -27.95 -19.71
N LEU D 45 14.74 -28.64 -18.96
CA LEU D 45 15.02 -28.97 -17.57
C LEU D 45 16.41 -29.59 -17.44
N GLU D 46 16.66 -30.65 -18.22
CA GLU D 46 17.91 -31.42 -18.16
C GLU D 46 19.11 -30.48 -18.39
N ALA D 47 19.11 -29.70 -19.47
CA ALA D 47 20.18 -28.71 -19.71
C ALA D 47 20.48 -27.98 -18.40
N VAL D 48 19.42 -27.45 -17.78
CA VAL D 48 19.51 -26.62 -16.57
C VAL D 48 19.96 -27.46 -15.37
N LYS D 49 19.49 -28.71 -15.28
CA LYS D 49 19.84 -29.62 -14.15
C LYS D 49 21.37 -29.76 -14.02
N ALA D 50 22.07 -29.86 -15.16
CA ALA D 50 23.53 -30.14 -15.18
C ALA D 50 24.35 -28.90 -14.76
N LYS D 51 23.77 -27.71 -14.99
CA LYS D 51 24.43 -26.44 -14.71
C LYS D 51 24.28 -26.06 -13.22
N LEU D 52 23.30 -26.63 -12.52
CA LEU D 52 23.10 -26.33 -11.10
C LEU D 52 24.33 -26.81 -10.32
N PRO D 53 25.06 -25.90 -9.61
CA PRO D 53 26.19 -26.32 -8.79
C PRO D 53 25.82 -27.40 -7.76
N ILE D 54 26.71 -28.37 -7.56
CA ILE D 54 26.62 -29.27 -6.40
C ILE D 54 27.76 -28.89 -5.43
N VAL D 55 27.43 -28.19 -4.35
CA VAL D 55 28.44 -27.60 -3.49
C VAL D 55 28.50 -28.32 -2.13
N LYS D 56 27.42 -28.96 -1.69
CA LYS D 56 27.32 -29.59 -0.38
C LYS D 56 27.05 -31.09 -0.61
N GLN D 57 27.74 -31.97 0.12
CA GLN D 57 27.67 -33.44 -0.08
C GLN D 57 26.34 -33.95 0.50
N GLY D 58 25.56 -34.68 -0.32
CA GLY D 58 24.16 -35.03 -0.01
C GLY D 58 23.17 -34.21 -0.82
N GLN D 59 23.66 -33.16 -1.49
CA GLN D 59 22.85 -32.27 -2.32
C GLN D 59 22.60 -32.92 -3.69
N THR D 60 21.37 -33.35 -3.91
CA THR D 60 20.90 -33.88 -5.18
C THR D 60 19.92 -32.86 -5.78
N HIS D 61 19.83 -32.82 -7.11
CA HIS D 61 18.86 -31.98 -7.84
C HIS D 61 17.85 -32.89 -8.53
N HIS D 62 16.71 -32.35 -8.95
CA HIS D 62 15.66 -33.16 -9.53
C HIS D 62 14.96 -32.42 -10.68
N VAL D 63 14.51 -33.21 -11.67
CA VAL D 63 13.56 -32.75 -12.69
C VAL D 63 12.15 -33.18 -12.26
N TRP D 64 11.20 -32.27 -12.49
CA TRP D 64 9.80 -32.53 -12.48
C TRP D 64 9.26 -31.99 -13.81
N GLN D 65 8.81 -32.89 -14.69
CA GLN D 65 8.03 -32.45 -15.86
C GLN D 65 6.61 -32.24 -15.34
N LEU D 66 6.10 -31.01 -15.50
CA LEU D 66 4.78 -30.63 -15.00
C LEU D 66 4.20 -29.56 -15.91
N ASP D 67 2.96 -29.80 -16.39
CA ASP D 67 2.15 -28.82 -17.12
C ASP D 67 1.51 -27.89 -16.09
N LEU D 68 1.81 -26.59 -16.26
CA LEU D 68 1.60 -25.58 -15.24
C LEU D 68 0.13 -25.14 -15.23
N SER D 69 -0.66 -25.65 -16.19
CA SER D 69 -2.08 -25.42 -16.30
C SER D 69 -2.89 -26.63 -15.81
N ASP D 70 -2.20 -27.65 -15.28
CA ASP D 70 -2.86 -28.84 -14.77
C ASP D 70 -3.00 -28.70 -13.25
N VAL D 71 -4.19 -28.34 -12.80
CA VAL D 71 -4.45 -27.96 -11.42
C VAL D 71 -4.71 -29.21 -10.57
N GLU D 72 -5.07 -30.33 -11.21
CA GLU D 72 -5.22 -31.55 -10.45
C GLU D 72 -3.84 -32.17 -10.25
N ALA D 73 -3.00 -32.08 -11.28
CA ALA D 73 -1.62 -32.63 -11.27
C ALA D 73 -0.76 -31.90 -10.22
N ALA D 74 -0.72 -30.56 -10.32
CA ALA D 74 -0.06 -29.70 -9.36
C ALA D 74 -0.55 -30.02 -7.94
N GLY D 75 -1.87 -30.09 -7.75
CA GLY D 75 -2.47 -30.35 -6.44
C GLY D 75 -2.13 -31.75 -5.90
N SER D 76 -2.01 -32.72 -6.81
CA SER D 76 -1.78 -34.14 -6.45
C SER D 76 -0.30 -34.51 -6.61
N PHE D 77 0.55 -33.52 -6.93
CA PHE D 77 2.01 -33.73 -7.07
C PHE D 77 2.27 -34.85 -8.08
N LYS D 78 1.61 -34.74 -9.23
CA LYS D 78 1.60 -35.80 -10.22
C LYS D 78 2.92 -35.72 -10.99
N GLY D 79 3.81 -36.69 -10.72
CA GLY D 79 5.09 -36.84 -11.44
C GLY D 79 6.28 -36.23 -10.71
N ALA D 80 6.06 -35.76 -9.46
CA ALA D 80 7.12 -35.19 -8.66
C ALA D 80 8.09 -36.29 -8.27
N PRO D 81 9.42 -35.99 -8.28
CA PRO D 81 10.43 -36.95 -7.83
C PRO D 81 10.45 -37.13 -6.31
N LEU D 82 10.07 -36.10 -5.55
CA LEU D 82 10.00 -36.15 -4.10
C LEU D 82 8.58 -35.85 -3.64
N PRO D 83 8.18 -36.33 -2.44
CA PRO D 83 6.95 -35.87 -1.80
C PRO D 83 6.94 -34.36 -1.48
N ALA D 84 5.74 -33.81 -1.25
CA ALA D 84 5.57 -32.42 -0.84
C ALA D 84 6.14 -32.23 0.57
N SER D 85 6.09 -33.30 1.38
CA SER D 85 6.61 -33.33 2.76
C SER D 85 8.12 -33.00 2.83
N SER D 86 8.85 -33.26 1.73
CA SER D 86 10.28 -33.05 1.63
C SER D 86 10.64 -31.57 1.75
N TYR D 87 9.98 -30.73 0.94
CA TYR D 87 10.47 -29.39 0.63
C TYR D 87 10.43 -28.47 1.86
N ASP D 88 11.58 -27.84 2.12
CA ASP D 88 11.75 -26.80 3.12
C ASP D 88 11.56 -25.43 2.47
N VAL D 89 11.65 -25.37 1.14
CA VAL D 89 11.48 -24.14 0.36
C VAL D 89 10.58 -24.45 -0.85
N PHE D 90 9.62 -23.57 -1.12
CA PHE D 90 8.90 -23.61 -2.40
C PHE D 90 8.88 -22.20 -3.00
N VAL D 91 9.42 -22.07 -4.21
CA VAL D 91 9.36 -20.85 -4.96
C VAL D 91 8.35 -21.02 -6.11
N SER D 92 7.24 -20.29 -6.01
CA SER D 92 6.23 -20.26 -7.07
C SER D 92 6.60 -19.22 -8.13
N ASN D 93 7.21 -19.67 -9.23
CA ASN D 93 7.63 -18.77 -10.29
C ASN D 93 6.87 -19.07 -11.59
N ALA D 94 5.93 -20.02 -11.56
CA ALA D 94 5.04 -20.30 -12.69
C ALA D 94 4.51 -18.97 -13.22
N GLY D 95 4.73 -18.73 -14.51
CA GLY D 95 4.61 -17.37 -15.03
C GLY D 95 4.39 -17.33 -16.53
N ILE D 96 3.20 -16.87 -16.92
CA ILE D 96 2.88 -16.48 -18.28
C ILE D 96 2.28 -15.08 -18.21
N SER D 97 2.69 -14.20 -19.12
CA SER D 97 2.11 -12.85 -19.21
C SER D 97 1.56 -12.63 -20.63
N GLN D 98 0.48 -11.83 -20.72
CA GLN D 98 -0.24 -11.53 -21.97
C GLN D 98 -0.63 -10.05 -22.00
N PHE D 99 -0.31 -9.40 -23.11
CA PHE D 99 -0.50 -7.98 -23.29
C PHE D 99 -1.53 -7.76 -24.40
N SER D 100 -2.78 -7.47 -23.98
CA SER D 100 -3.89 -7.10 -24.86
C SER D 100 -4.85 -6.16 -24.13
N PRO D 101 -5.55 -5.24 -24.85
CA PRO D 101 -6.66 -4.49 -24.27
C PRO D 101 -7.77 -5.49 -23.90
N ILE D 102 -8.42 -5.27 -22.76
CA ILE D 102 -9.33 -6.27 -22.19
C ILE D 102 -10.32 -6.73 -23.27
N ALA D 103 -10.84 -5.77 -24.04
CA ALA D 103 -11.87 -5.97 -25.07
C ALA D 103 -11.39 -6.98 -26.14
N GLU D 104 -10.12 -6.88 -26.56
CA GLU D 104 -9.54 -7.76 -27.60
C GLU D 104 -8.99 -9.07 -27.00
N HIS D 105 -8.83 -9.14 -25.68
CA HIS D 105 -8.11 -10.24 -25.03
C HIS D 105 -8.92 -11.55 -25.13
N ALA D 106 -8.46 -12.50 -25.97
CA ALA D 106 -9.09 -13.83 -26.18
C ALA D 106 -9.25 -14.60 -24.86
N ASP D 107 -10.39 -15.32 -24.74
CA ASP D 107 -10.83 -16.01 -23.51
C ASP D 107 -10.00 -17.26 -23.24
N ALA D 108 -9.45 -17.87 -24.31
CA ALA D 108 -8.58 -19.03 -24.18
C ALA D 108 -7.28 -18.59 -23.48
N ASP D 109 -6.74 -17.47 -23.97
CA ASP D 109 -5.55 -16.85 -23.42
C ASP D 109 -5.77 -16.53 -21.93
N TRP D 110 -6.64 -15.55 -21.63
CA TRP D 110 -6.61 -14.93 -20.31
C TRP D 110 -7.03 -15.91 -19.22
N GLN D 111 -7.80 -16.95 -19.60
CA GLN D 111 -8.24 -17.97 -18.64
C GLN D 111 -7.14 -19.00 -18.43
N ASN D 112 -6.32 -19.23 -19.46
CA ASN D 112 -5.16 -20.11 -19.33
C ASN D 112 -4.14 -19.41 -18.43
N MET D 113 -3.88 -18.12 -18.73
CA MET D 113 -2.98 -17.29 -17.94
C MET D 113 -3.42 -17.34 -16.48
N LEU D 114 -4.73 -17.14 -16.27
CA LEU D 114 -5.29 -17.05 -14.94
C LEU D 114 -5.26 -18.41 -14.23
N THR D 115 -5.19 -19.51 -14.98
CA THR D 115 -5.04 -20.85 -14.40
C THR D 115 -3.58 -21.08 -14.01
N VAL D 116 -2.66 -20.70 -14.92
CA VAL D 116 -1.21 -20.94 -14.77
C VAL D 116 -0.62 -20.07 -13.66
N ASN D 117 -1.04 -18.80 -13.63
CA ASN D 117 -0.46 -17.80 -12.74
C ASN D 117 -1.05 -17.88 -11.31
N LEU D 118 -2.18 -18.57 -11.10
CA LEU D 118 -2.95 -18.43 -9.82
C LEU D 118 -3.68 -19.72 -9.39
N THR D 119 -4.44 -20.36 -10.27
CA THR D 119 -5.22 -21.52 -9.84
C THR D 119 -4.25 -22.65 -9.50
N ALA D 120 -3.30 -22.94 -10.41
CA ALA D 120 -2.30 -24.03 -10.23
C ALA D 120 -1.39 -23.74 -9.04
N PRO D 121 -0.74 -22.56 -8.96
CA PRO D 121 -0.03 -22.16 -7.75
C PRO D 121 -0.82 -22.43 -6.44
N ILE D 122 -2.09 -22.03 -6.38
CA ILE D 122 -2.87 -22.28 -5.17
C ILE D 122 -2.83 -23.79 -4.87
N ALA D 123 -3.24 -24.58 -5.86
CA ALA D 123 -3.27 -26.03 -5.75
C ALA D 123 -1.92 -26.57 -5.25
N LEU D 124 -0.85 -26.15 -5.93
CA LEU D 124 0.50 -26.62 -5.64
C LEU D 124 0.89 -26.22 -4.22
N THR D 125 0.58 -24.97 -3.85
CA THR D 125 0.80 -24.47 -2.49
C THR D 125 0.03 -25.30 -1.47
N LYS D 126 -1.27 -25.55 -1.74
CA LYS D 126 -2.12 -26.31 -0.82
C LYS D 126 -1.44 -27.63 -0.47
N ALA D 127 -1.00 -28.33 -1.52
CA ALA D 127 -0.41 -29.65 -1.42
C ALA D 127 0.79 -29.63 -0.47
N VAL D 128 1.70 -28.66 -0.70
CA VAL D 128 2.93 -28.45 0.10
C VAL D 128 2.57 -28.20 1.58
N VAL D 129 1.77 -27.17 1.81
CA VAL D 129 1.37 -26.71 3.16
C VAL D 129 0.67 -27.85 3.92
N LYS D 130 -0.09 -28.69 3.22
CA LYS D 130 -0.70 -29.89 3.81
C LYS D 130 0.42 -30.75 4.41
N ALA D 131 1.47 -30.98 3.61
CA ALA D 131 2.53 -31.93 3.90
C ALA D 131 3.47 -31.46 5.03
N ILE D 132 3.79 -30.17 5.08
CA ILE D 132 4.95 -29.71 5.84
C ILE D 132 4.57 -28.88 7.08
N SER D 133 3.28 -28.73 7.37
CA SER D 133 2.79 -27.81 8.44
C SER D 133 3.21 -28.29 9.83
N ASP D 134 3.04 -29.59 10.09
CA ASP D 134 3.18 -30.18 11.44
C ASP D 134 4.61 -30.65 11.75
N LYS D 135 5.48 -30.79 10.73
CA LYS D 135 6.88 -31.22 10.92
C LYS D 135 7.66 -30.19 11.74
N PRO D 136 8.63 -30.62 12.58
CA PRO D 136 9.46 -29.69 13.34
C PRO D 136 10.64 -29.17 12.49
N ARG D 137 11.21 -28.02 12.91
CA ARG D 137 12.33 -27.33 12.24
C ARG D 137 12.73 -26.11 13.08
N GLN D 138 14.05 -25.82 13.17
CA GLN D 138 14.49 -24.63 13.92
C GLN D 138 14.36 -23.40 13.03
N THR D 139 14.73 -23.56 11.75
CA THR D 139 14.54 -22.50 10.75
C THR D 139 13.12 -22.59 10.21
N PRO D 140 12.45 -21.46 9.95
CA PRO D 140 11.19 -21.49 9.22
C PRO D 140 11.43 -22.05 7.81
N ALA D 141 10.38 -22.64 7.24
CA ALA D 141 10.34 -22.99 5.84
C ALA D 141 9.80 -21.77 5.07
N HIS D 142 9.92 -21.81 3.75
CA HIS D 142 9.75 -20.58 2.97
C HIS D 142 8.84 -20.84 1.77
N ILE D 143 7.75 -20.06 1.70
CA ILE D 143 6.92 -19.99 0.52
C ILE D 143 7.03 -18.56 -0.05
N ILE D 144 7.52 -18.50 -1.29
CA ILE D 144 7.91 -17.28 -1.94
C ILE D 144 7.35 -17.30 -3.35
N PHE D 145 6.41 -16.39 -3.61
CA PHE D 145 5.76 -16.26 -4.92
C PHE D 145 6.46 -15.15 -5.72
N ILE D 146 6.75 -15.44 -7.00
CA ILE D 146 7.18 -14.44 -7.94
C ILE D 146 5.95 -13.76 -8.52
N SER D 147 5.71 -12.52 -8.06
CA SER D 147 4.59 -11.69 -8.51
C SER D 147 5.05 -10.82 -9.69
N THR D 148 4.53 -9.60 -9.78
CA THR D 148 4.99 -8.65 -10.76
C THR D 148 4.68 -7.24 -10.27
N ALA D 149 5.55 -6.29 -10.61
CA ALA D 149 5.37 -4.89 -10.22
C ALA D 149 3.93 -4.46 -10.57
N PHE D 150 3.44 -4.96 -11.70
CA PHE D 150 2.17 -4.54 -12.30
C PHE D 150 0.97 -4.78 -11.38
N SER D 151 1.14 -5.62 -10.34
CA SER D 151 0.04 -6.05 -9.52
C SER D 151 -0.20 -5.08 -8.34
N LYS D 152 0.55 -3.97 -8.30
CA LYS D 152 0.42 -2.92 -7.26
C LYS D 152 0.15 -1.55 -7.89
N ARG D 153 0.80 -1.28 -9.01
CA ARG D 153 0.55 -0.08 -9.79
C ARG D 153 0.10 -0.55 -11.18
N GLY D 154 -1.07 -0.06 -11.59
CA GLY D 154 -1.72 -0.48 -12.80
C GLY D 154 -1.06 0.11 -14.04
N ALA D 155 -0.95 -0.73 -15.06
CA ALA D 155 -0.63 -0.36 -16.43
C ALA D 155 -1.80 -0.72 -17.34
N PRO D 156 -2.02 0.02 -18.45
CA PRO D 156 -2.98 -0.40 -19.47
C PRO D 156 -2.58 -1.73 -20.13
N LYS D 157 -3.58 -2.54 -20.47
CA LYS D 157 -3.46 -3.66 -21.40
C LYS D 157 -2.79 -4.89 -20.75
N VAL D 158 -2.83 -4.95 -19.41
CA VAL D 158 -2.28 -6.07 -18.61
C VAL D 158 -3.28 -6.40 -17.49
N ALA D 159 -4.58 -6.27 -17.79
CA ALA D 159 -5.62 -6.35 -16.79
C ALA D 159 -5.61 -7.73 -16.13
N VAL D 160 -5.84 -8.77 -16.92
CA VAL D 160 -6.01 -10.11 -16.35
C VAL D 160 -4.68 -10.57 -15.76
N TYR D 161 -3.56 -10.13 -16.36
CA TYR D 161 -2.20 -10.45 -15.88
C TYR D 161 -2.01 -9.91 -14.47
N SER D 162 -2.20 -8.60 -14.33
CA SER D 162 -2.11 -7.90 -13.06
C SER D 162 -2.96 -8.61 -12.00
N ALA D 163 -4.16 -9.02 -12.44
CA ALA D 163 -5.18 -9.62 -11.58
C ALA D 163 -4.73 -10.97 -11.05
N SER D 164 -4.21 -11.83 -11.94
CA SER D 164 -3.63 -13.13 -11.59
C SER D 164 -2.57 -12.98 -10.47
N LYS D 165 -1.76 -11.92 -10.54
CA LYS D 165 -0.62 -11.76 -9.64
C LYS D 165 -1.00 -10.89 -8.43
N ALA D 166 -2.02 -10.06 -8.55
CA ALA D 166 -2.57 -9.39 -7.37
C ALA D 166 -3.27 -10.43 -6.48
N GLY D 167 -3.80 -11.49 -7.11
CA GLY D 167 -4.45 -12.59 -6.41
C GLY D 167 -3.45 -13.42 -5.63
N ILE D 168 -2.30 -13.63 -6.27
CA ILE D 168 -1.12 -14.20 -5.63
C ILE D 168 -0.73 -13.35 -4.40
N ASP D 169 -0.57 -12.03 -4.58
CA ASP D 169 -0.22 -11.15 -3.45
C ASP D 169 -1.21 -11.36 -2.30
N GLY D 170 -2.50 -11.45 -2.64
CA GLY D 170 -3.56 -11.62 -1.66
C GLY D 170 -3.45 -12.95 -0.93
N PHE D 171 -3.15 -14.02 -1.68
CA PHE D 171 -2.90 -15.39 -1.17
C PHE D 171 -1.80 -15.36 -0.11
N MET D 172 -0.61 -14.88 -0.51
CA MET D 172 0.57 -14.89 0.35
C MET D 172 0.25 -14.15 1.65
N ARG D 173 -0.36 -12.97 1.55
CA ARG D 173 -0.62 -12.14 2.73
C ARG D 173 -1.40 -12.95 3.79
N SER D 174 -2.45 -13.64 3.35
CA SER D 174 -3.33 -14.41 4.23
C SER D 174 -2.58 -15.67 4.72
N LEU D 175 -1.90 -16.35 3.80
CA LEU D 175 -1.13 -17.53 4.13
C LEU D 175 -0.08 -17.20 5.20
N ALA D 176 0.59 -16.05 5.03
CA ALA D 176 1.60 -15.59 5.98
C ALA D 176 1.03 -15.56 7.40
N ARG D 177 -0.17 -15.00 7.56
CA ARG D 177 -0.82 -14.89 8.90
C ARG D 177 -1.30 -16.27 9.37
N GLU D 178 -1.68 -17.11 8.40
CA GLU D 178 -2.23 -18.40 8.68
C GLU D 178 -1.13 -19.38 9.14
N LEU D 179 0.05 -19.31 8.54
CA LEU D 179 1.05 -20.36 8.67
C LEU D 179 2.28 -19.89 9.45
N GLY D 180 2.29 -18.62 9.88
CA GLY D 180 3.38 -18.05 10.64
C GLY D 180 3.61 -18.79 11.96
N PRO D 181 2.53 -19.14 12.70
CA PRO D 181 2.65 -20.00 13.88
C PRO D 181 3.16 -21.43 13.61
N LYS D 182 3.19 -21.85 12.33
CA LYS D 182 3.60 -23.19 11.91
C LYS D 182 5.05 -23.21 11.43
N GLY D 183 5.75 -22.07 11.55
CA GLY D 183 7.13 -21.98 11.08
C GLY D 183 7.22 -22.01 9.57
N ILE D 184 6.25 -21.36 8.92
CA ILE D 184 6.30 -21.17 7.49
C ILE D 184 6.19 -19.68 7.20
N ASN D 185 7.26 -19.14 6.60
CA ASN D 185 7.31 -17.77 6.13
C ASN D 185 6.86 -17.75 4.67
N VAL D 186 6.10 -16.72 4.32
CA VAL D 186 5.42 -16.59 3.04
C VAL D 186 5.58 -15.14 2.57
N ASN D 187 6.11 -14.95 1.36
CA ASN D 187 6.48 -13.62 0.85
C ASN D 187 6.31 -13.62 -0.66
N CYS D 188 6.16 -12.44 -1.26
CA CYS D 188 6.32 -12.32 -2.72
C CYS D 188 7.60 -11.56 -3.04
N VAL D 189 8.18 -11.89 -4.20
CA VAL D 189 9.14 -11.04 -4.85
C VAL D 189 8.47 -10.52 -6.11
N SER D 190 8.49 -9.20 -6.27
CA SER D 190 7.78 -8.51 -7.32
C SER D 190 8.75 -7.91 -8.33
N PRO D 191 9.11 -8.64 -9.41
CA PRO D 191 9.95 -8.07 -10.47
C PRO D 191 9.22 -6.94 -11.20
N GLY D 192 10.01 -6.01 -11.70
CA GLY D 192 9.62 -5.21 -12.84
C GLY D 192 10.06 -5.89 -14.13
N LEU D 193 10.27 -5.08 -15.18
CA LEU D 193 10.57 -5.59 -16.53
C LEU D 193 11.97 -6.18 -16.57
N VAL D 194 12.05 -7.47 -16.89
CA VAL D 194 13.26 -8.27 -16.83
C VAL D 194 13.56 -8.81 -18.24
N ARG D 195 14.86 -8.91 -18.57
CA ARG D 195 15.36 -9.43 -19.87
C ARG D 195 15.14 -10.94 -19.94
N THR D 196 14.17 -11.38 -20.75
CA THR D 196 13.61 -12.72 -20.67
C THR D 196 12.66 -12.96 -21.85
N GLU D 197 11.75 -13.94 -21.67
CA GLU D 197 10.64 -14.25 -22.60
C GLU D 197 9.32 -13.87 -21.90
N MET D 198 9.27 -12.61 -21.44
CA MET D 198 8.09 -11.98 -20.80
C MET D 198 8.11 -10.55 -21.35
N ALA D 199 8.48 -10.45 -22.63
CA ALA D 199 8.65 -9.21 -23.37
C ALA D 199 8.57 -9.51 -24.87
N GLU D 200 7.47 -9.05 -25.49
CA GLU D 200 7.16 -9.23 -26.90
C GLU D 200 7.10 -7.84 -27.56
N GLY D 201 6.03 -7.09 -27.28
CA GLY D 201 5.97 -5.66 -27.55
C GLY D 201 6.59 -4.85 -26.43
N ILE D 202 6.14 -5.12 -25.19
CA ILE D 202 6.42 -4.30 -23.98
C ILE D 202 7.92 -4.32 -23.64
N ASP D 203 8.39 -3.16 -23.16
CA ASP D 203 9.81 -2.84 -23.00
C ASP D 203 9.96 -1.74 -21.93
N PRO D 204 11.15 -1.62 -21.28
CA PRO D 204 11.38 -0.59 -20.28
C PRO D 204 10.95 0.80 -20.75
N SER D 205 11.48 1.23 -21.91
CA SER D 205 11.40 2.59 -22.43
C SER D 205 9.97 3.12 -22.40
N MET D 206 9.00 2.23 -22.64
CA MET D 206 7.57 2.55 -22.59
C MET D 206 7.14 2.99 -21.19
N PHE D 207 8.02 2.88 -20.19
CA PHE D 207 7.78 3.39 -18.83
C PHE D 207 8.96 4.28 -18.43
N ASP D 208 8.66 5.41 -17.80
CA ASP D 208 9.70 6.30 -17.31
C ASP D 208 10.08 5.76 -15.93
N LEU D 209 11.18 5.00 -15.92
CA LEU D 209 11.67 4.38 -14.73
C LEU D 209 12.69 5.32 -14.08
N PRO D 210 12.74 5.42 -12.74
CA PRO D 210 13.82 6.12 -12.06
C PRO D 210 15.17 5.49 -12.42
N ILE D 211 15.16 4.17 -12.67
CA ILE D 211 16.32 3.40 -13.09
C ILE D 211 16.01 2.82 -14.47
N ARG D 212 16.67 3.40 -15.49
CA ARG D 212 16.50 3.02 -16.89
C ARG D 212 16.99 1.59 -17.13
N GLY D 213 16.40 0.95 -18.14
CA GLY D 213 16.91 -0.27 -18.73
C GLY D 213 16.24 -1.50 -18.13
N TRP D 214 16.62 -2.67 -18.67
CA TRP D 214 16.10 -3.96 -18.21
C TRP D 214 16.68 -4.27 -16.83
N ILE D 215 15.96 -5.10 -16.08
CA ILE D 215 16.47 -5.75 -14.89
C ILE D 215 16.88 -7.19 -15.26
N GLU D 216 18.06 -7.62 -14.82
CA GLU D 216 18.54 -8.96 -15.14
C GLU D 216 17.90 -9.95 -14.18
N PRO D 217 17.69 -11.22 -14.61
CA PRO D 217 17.21 -12.28 -13.72
C PRO D 217 17.94 -12.47 -12.38
N ASP D 218 19.27 -12.52 -12.45
CA ASP D 218 20.04 -12.86 -11.30
C ASP D 218 19.71 -11.88 -10.17
N ALA D 219 19.19 -10.68 -10.49
CA ALA D 219 18.91 -9.69 -9.45
C ALA D 219 17.59 -10.03 -8.76
N ILE D 220 16.67 -10.64 -9.50
CA ILE D 220 15.45 -11.15 -8.94
C ILE D 220 15.85 -12.28 -7.97
N ALA D 221 16.76 -13.14 -8.40
CA ALA D 221 17.21 -14.27 -7.59
C ALA D 221 17.73 -13.78 -6.23
N ASP D 222 18.61 -12.76 -6.24
CA ASP D 222 19.23 -12.19 -5.02
C ASP D 222 18.20 -11.99 -3.91
N ALA D 223 17.02 -11.51 -4.29
CA ALA D 223 15.92 -11.28 -3.37
C ALA D 223 15.44 -12.62 -2.80
N VAL D 224 15.23 -13.61 -3.67
CA VAL D 224 14.79 -14.93 -3.24
C VAL D 224 15.81 -15.48 -2.22
N THR D 225 17.08 -15.34 -2.57
CA THR D 225 18.20 -15.82 -1.76
C THR D 225 18.16 -15.13 -0.38
N TYR D 226 17.96 -13.81 -0.37
CA TYR D 226 17.87 -13.03 0.87
C TYR D 226 16.73 -13.57 1.77
N LEU D 227 15.55 -13.77 1.18
CA LEU D 227 14.34 -14.23 1.86
C LEU D 227 14.56 -15.61 2.47
N VAL D 228 14.90 -16.57 1.62
CA VAL D 228 15.17 -17.94 2.01
C VAL D 228 16.10 -17.98 3.24
N LYS D 229 17.11 -17.10 3.27
CA LYS D 229 18.07 -17.01 4.35
C LYS D 229 17.51 -16.29 5.59
N SER D 230 16.36 -15.62 5.46
CA SER D 230 15.77 -14.82 6.53
C SER D 230 14.82 -15.66 7.41
N LYS D 231 14.45 -15.15 8.59
CA LYS D 231 13.40 -15.76 9.44
C LYS D 231 12.57 -14.73 10.20
N ASN D 232 12.51 -13.48 9.71
CA ASN D 232 11.70 -12.44 10.33
C ASN D 232 10.87 -11.70 9.28
N VAL D 233 10.82 -12.24 8.06
CA VAL D 233 10.18 -11.62 6.95
C VAL D 233 9.03 -12.51 6.49
N THR D 234 7.81 -12.08 6.78
CA THR D 234 6.68 -12.72 6.21
C THR D 234 5.62 -11.67 5.89
N GLY D 235 4.82 -11.98 4.88
CA GLY D 235 3.67 -11.17 4.49
C GLY D 235 4.05 -9.99 3.61
N THR D 236 5.27 -10.02 3.05
CA THR D 236 5.86 -8.86 2.43
C THR D 236 6.06 -9.12 0.95
N THR D 237 6.12 -8.00 0.19
CA THR D 237 6.60 -7.99 -1.19
C THR D 237 7.93 -7.25 -1.28
N LEU D 238 8.90 -7.88 -1.94
CA LEU D 238 10.20 -7.29 -2.18
C LEU D 238 10.29 -6.89 -3.65
N SER D 239 10.01 -5.61 -3.93
CA SER D 239 9.91 -5.05 -5.30
C SER D 239 11.33 -4.82 -5.87
N VAL D 240 11.64 -5.52 -6.96
CA VAL D 240 12.89 -5.38 -7.70
C VAL D 240 12.54 -4.93 -9.13
N ASP D 241 12.22 -3.64 -9.27
CA ASP D 241 11.40 -3.09 -10.37
C ASP D 241 11.95 -1.75 -10.88
N ASN D 242 13.20 -1.41 -10.53
CA ASN D 242 13.89 -0.24 -11.09
C ASN D 242 13.11 1.06 -10.79
N GLY D 243 12.32 1.07 -9.72
CA GLY D 243 11.56 2.26 -9.28
C GLY D 243 10.21 2.40 -9.95
N TYR D 244 9.68 1.32 -10.48
CA TYR D 244 8.39 1.33 -11.14
C TYR D 244 7.22 1.64 -10.24
N CYS D 245 7.21 1.12 -9.04
CA CYS D 245 6.12 1.35 -8.14
C CYS D 245 6.37 2.48 -7.20
N ALA D 246 7.52 3.10 -7.32
CA ALA D 246 7.84 4.19 -6.45
C ALA D 246 6.92 5.32 -6.71
#